data_1ZVV
#
_entry.id   1ZVV
#
_cell.length_a   83.690
_cell.length_b   158.100
_cell.length_c   125.470
_cell.angle_alpha   90.00
_cell.angle_beta   100.73
_cell.angle_gamma   90.00
#
_symmetry.space_group_name_H-M   'C 1 2 1'
#
loop_
_entity.id
_entity.type
_entity.pdbx_description
1 polymer 'DNA recognition strand CRE'
2 polymer 'Glucose-resistance amylase regulator'
3 polymer 'HPr-like protein crh'
4 non-polymer 'IODIDE ION'
5 water water
#
loop_
_entity_poly.entity_id
_entity_poly.type
_entity_poly.pdbx_seq_one_letter_code
_entity_poly.pdbx_strand_id
1 'polydeoxyribonucleotide' (DC)(DT)(DG)(DA)(DA)(DA)(DG)(DC)(DG)(DC)(DT)(DT)(DA)(DC)(DA)(DG) O,T,R
2 'polypeptide(L)'
;MNVTIYDVAREASVSMATVSRVVNGNPNVKPSTRKKVLETIERLGYRPNAVARGLASKKTTTVGVIIPDISNIFYAELAR
GIEDIASMYKYNIILSNSDQNQDKQLHLLNNMLGKQVDGIIFMSGNVTEEHVEELKKSPVPVVLAASIESTNQIPSVTID
YEQAAFDAVQSLIDSGHKNIAFVSGTLEEPINHAKKVKGYKRALTESGLPVRDSYIVEGDYTYDSGIEAVEKLLEEDEKP
TAIFVGTDEMALGVIHGAQDRGLNVPNDLEIIGFDNTRLSTMVRPQLTSVVQPMYDIGAVAMRLLTKYMNKETVDSSIVE
LPHRIEFRQSTK
;
A,B,G
3 'polypeptide(L)'
;MVQQKVEVRLKTGLQARPAALFVQEANRFTSDIFLEKDGKKVNAK(SEP)IMGLMSLAISTGTEITLIAQGEDEQEALEK
LAAYVQEEV
;
W,P,J
#
loop_
_chem_comp.id
_chem_comp.type
_chem_comp.name
_chem_comp.formula
DA DNA linking 2'-DEOXYADENOSINE-5'-MONOPHOSPHATE 'C10 H14 N5 O6 P'
DC DNA linking 2'-DEOXYCYTIDINE-5'-MONOPHOSPHATE 'C9 H14 N3 O7 P'
DG DNA linking 2'-DEOXYGUANOSINE-5'-MONOPHOSPHATE 'C10 H14 N5 O7 P'
DT DNA linking THYMIDINE-5'-MONOPHOSPHATE 'C10 H15 N2 O8 P'
IOD non-polymer 'IODIDE ION' 'I -1'
#
# COMPACT_ATOMS: atom_id res chain seq x y z
N MET D 1 -4.40 15.86 -17.89
CA MET D 1 -4.15 15.03 -16.67
C MET D 1 -3.55 15.90 -15.57
N ASN D 2 -2.57 16.73 -15.96
CA ASN D 2 -1.93 17.64 -15.01
C ASN D 2 -2.28 19.07 -15.37
N VAL D 3 -2.43 19.35 -16.66
CA VAL D 3 -2.79 20.69 -17.09
C VAL D 3 -4.31 20.72 -17.20
N THR D 4 -4.92 21.50 -16.31
CA THR D 4 -6.37 21.62 -16.24
C THR D 4 -6.87 22.92 -16.87
N ILE D 5 -8.15 23.21 -16.60
CA ILE D 5 -8.79 24.42 -17.06
C ILE D 5 -8.43 25.45 -15.99
N TYR D 6 -8.06 24.93 -14.82
CA TYR D 6 -7.64 25.75 -13.69
C TYR D 6 -6.28 26.37 -14.02
N ASP D 7 -5.33 25.53 -14.42
CA ASP D 7 -3.99 25.99 -14.77
C ASP D 7 -3.98 26.93 -15.97
N VAL D 8 -5.07 26.97 -16.71
CA VAL D 8 -5.18 27.87 -17.84
C VAL D 8 -5.75 29.16 -17.26
N ALA D 9 -6.54 29.00 -16.21
CA ALA D 9 -7.12 30.14 -15.53
C ALA D 9 -5.93 30.89 -14.93
N ARG D 10 -4.89 30.13 -14.58
CA ARG D 10 -3.68 30.70 -14.01
C ARG D 10 -2.86 31.44 -15.06
N GLU D 11 -2.28 30.69 -15.99
CA GLU D 11 -1.46 31.29 -17.02
C GLU D 11 -2.19 32.23 -17.96
N ALA D 12 -3.51 32.30 -17.86
CA ALA D 12 -4.25 33.19 -18.74
C ALA D 12 -4.75 34.44 -17.99
N SER D 13 -4.58 34.44 -16.68
CA SER D 13 -5.02 35.58 -15.88
C SER D 13 -6.50 35.85 -16.17
N VAL D 14 -7.21 34.78 -16.55
CA VAL D 14 -8.63 34.88 -16.83
C VAL D 14 -9.33 33.94 -15.85
N SER D 15 -10.65 33.88 -15.91
CA SER D 15 -11.40 33.02 -15.01
C SER D 15 -11.62 31.64 -15.57
N MET D 16 -11.69 30.65 -14.68
CA MET D 16 -11.92 29.28 -15.10
C MET D 16 -13.11 29.24 -16.06
N ALA D 17 -14.13 30.03 -15.77
CA ALA D 17 -15.33 30.11 -16.60
C ALA D 17 -15.07 30.78 -17.94
N THR D 18 -13.94 31.45 -18.03
CA THR D 18 -13.56 32.11 -19.27
C THR D 18 -13.06 30.96 -20.15
N VAL D 19 -11.99 30.34 -19.68
CA VAL D 19 -11.36 29.21 -20.34
C VAL D 19 -12.36 28.22 -20.95
N SER D 20 -13.45 27.97 -20.25
CA SER D 20 -14.44 27.06 -20.77
C SER D 20 -15.08 27.64 -22.01
N ARG D 21 -15.54 28.89 -21.91
CA ARG D 21 -16.19 29.57 -23.04
C ARG D 21 -15.38 29.46 -24.32
N VAL D 22 -14.06 29.61 -24.22
CA VAL D 22 -13.26 29.53 -25.41
C VAL D 22 -13.21 28.12 -26.01
N VAL D 23 -12.95 27.10 -25.20
CA VAL D 23 -12.86 25.74 -25.73
C VAL D 23 -14.12 25.24 -26.41
N ASN D 24 -15.23 25.33 -25.68
CA ASN D 24 -16.49 24.89 -26.25
C ASN D 24 -16.77 25.75 -27.48
N GLY D 25 -16.32 27.00 -27.45
CA GLY D 25 -16.51 27.88 -28.59
C GLY D 25 -17.71 28.82 -28.65
N ASN D 26 -18.35 29.05 -27.51
CA ASN D 26 -19.50 29.93 -27.50
C ASN D 26 -19.10 31.37 -27.62
N PRO D 27 -19.51 32.02 -28.71
CA PRO D 27 -19.19 33.42 -28.92
C PRO D 27 -19.67 34.23 -27.74
N ASN D 28 -18.85 35.17 -27.27
CA ASN D 28 -19.24 35.98 -26.14
C ASN D 28 -18.07 36.22 -25.20
N VAL D 29 -16.88 36.32 -25.77
CA VAL D 29 -15.68 36.57 -24.98
C VAL D 29 -14.90 37.64 -25.70
N LYS D 30 -13.94 38.25 -25.02
CA LYS D 30 -13.14 39.28 -25.66
C LYS D 30 -12.13 38.61 -26.59
N PRO D 31 -12.30 38.80 -27.91
CA PRO D 31 -11.36 38.17 -28.84
C PRO D 31 -9.93 38.50 -28.42
N SER D 32 -9.75 39.72 -27.91
CA SER D 32 -8.45 40.17 -27.44
C SER D 32 -7.90 39.27 -26.34
N THR D 33 -8.82 38.77 -25.50
CA THR D 33 -8.46 37.88 -24.41
C THR D 33 -8.65 36.44 -24.83
N ARG D 34 -9.53 36.23 -25.81
CA ARG D 34 -9.80 34.89 -26.33
C ARG D 34 -8.49 34.25 -26.72
N LYS D 35 -7.81 34.89 -27.65
CA LYS D 35 -6.53 34.41 -28.14
C LYS D 35 -5.56 34.25 -26.96
N LYS D 36 -5.63 35.17 -26.00
CA LYS D 36 -4.78 35.12 -24.80
C LYS D 36 -4.94 33.73 -24.20
N VAL D 37 -6.10 33.14 -24.48
CA VAL D 37 -6.46 31.83 -23.97
C VAL D 37 -6.11 30.68 -24.92
N LEU D 38 -6.17 30.93 -26.22
CA LEU D 38 -5.85 29.90 -27.21
C LEU D 38 -4.34 29.65 -27.28
N GLU D 39 -3.56 30.59 -26.76
CA GLU D 39 -2.12 30.49 -26.74
C GLU D 39 -1.69 29.47 -25.71
N THR D 40 -2.05 29.72 -24.45
CA THR D 40 -1.70 28.83 -23.35
C THR D 40 -2.10 27.41 -23.71
N ILE D 41 -3.27 27.27 -24.30
CA ILE D 41 -3.78 25.96 -24.70
C ILE D 41 -2.78 25.25 -25.61
N GLU D 42 -2.32 25.93 -26.65
CA GLU D 42 -1.35 25.32 -27.55
C GLU D 42 -0.01 25.25 -26.81
N ARG D 43 0.30 26.30 -26.05
CA ARG D 43 1.55 26.41 -25.29
C ARG D 43 1.72 25.34 -24.19
N LEU D 44 0.62 24.99 -23.52
CA LEU D 44 0.67 24.02 -22.43
C LEU D 44 0.30 22.59 -22.83
N GLY D 45 -0.36 22.44 -23.97
CA GLY D 45 -0.75 21.11 -24.41
C GLY D 45 -2.07 20.69 -23.78
N TYR D 46 -2.74 21.67 -23.18
CA TYR D 46 -4.03 21.44 -22.53
C TYR D 46 -5.01 20.69 -23.40
N ARG D 47 -5.22 19.43 -23.05
CA ARG D 47 -6.15 18.57 -23.77
C ARG D 47 -7.34 18.54 -22.82
N PRO D 48 -8.52 19.01 -23.26
CA PRO D 48 -9.60 18.95 -22.28
C PRO D 48 -9.98 17.53 -21.90
N ASN D 49 -10.55 17.39 -20.70
CA ASN D 49 -10.97 16.10 -20.20
C ASN D 49 -12.43 15.81 -20.59
N ALA D 50 -12.60 14.96 -21.58
CA ALA D 50 -13.94 14.60 -22.07
C ALA D 50 -14.85 14.07 -20.98
N VAL D 51 -14.26 13.57 -19.91
CA VAL D 51 -15.03 12.99 -18.83
C VAL D 51 -15.60 14.05 -17.93
N ALA D 52 -14.73 14.96 -17.51
CA ALA D 52 -15.13 16.07 -16.64
C ALA D 52 -16.23 16.85 -17.34
N ARG D 53 -16.12 16.98 -18.66
CA ARG D 53 -17.11 17.69 -19.41
C ARG D 53 -18.40 16.90 -19.43
N GLY D 54 -18.26 15.57 -19.40
CA GLY D 54 -19.41 14.68 -19.43
C GLY D 54 -20.28 14.74 -18.19
N LEU D 55 -19.64 14.68 -17.02
CA LEU D 55 -20.34 14.73 -15.74
C LEU D 55 -21.07 16.06 -15.59
N ALA D 56 -20.40 17.14 -15.98
CA ALA D 56 -20.98 18.48 -15.88
C ALA D 56 -21.93 18.89 -17.02
N SER D 57 -21.69 18.45 -18.25
CA SER D 57 -22.59 18.84 -19.31
C SER D 57 -23.82 17.95 -19.44
N LYS D 58 -23.73 16.74 -18.90
CA LYS D 58 -24.82 15.79 -18.97
C LYS D 58 -25.05 15.36 -20.42
N LYS D 59 -23.94 15.22 -21.13
CA LYS D 59 -23.91 14.81 -22.54
C LYS D 59 -22.50 14.26 -22.75
N THR D 60 -22.36 13.23 -23.56
CA THR D 60 -21.02 12.68 -23.78
C THR D 60 -20.44 12.79 -25.20
N THR D 61 -21.29 12.88 -26.23
CA THR D 61 -20.80 12.97 -27.61
C THR D 61 -20.36 11.55 -27.98
N THR D 62 -21.25 10.59 -27.69
CA THR D 62 -20.96 9.19 -27.94
C THR D 62 -22.24 8.36 -28.10
N VAL D 63 -22.28 7.51 -29.12
CA VAL D 63 -23.44 6.66 -29.32
C VAL D 63 -22.87 5.28 -29.12
N GLY D 64 -23.73 4.33 -28.73
CA GLY D 64 -23.24 2.98 -28.54
C GLY D 64 -23.92 2.13 -29.58
N VAL D 65 -23.19 1.28 -30.29
CA VAL D 65 -23.84 0.43 -31.31
C VAL D 65 -23.85 -1.00 -30.86
N ILE D 66 -25.02 -1.63 -30.94
CA ILE D 66 -25.13 -3.04 -30.58
C ILE D 66 -25.28 -3.72 -31.94
N ILE D 67 -24.30 -4.55 -32.30
CA ILE D 67 -24.34 -5.18 -33.59
C ILE D 67 -24.11 -6.69 -33.44
N PRO D 68 -24.78 -7.54 -34.24
CA PRO D 68 -24.63 -8.99 -34.18
C PRO D 68 -23.19 -9.50 -34.25
N ASP D 69 -22.54 -9.35 -35.40
CA ASP D 69 -21.17 -9.85 -35.55
C ASP D 69 -20.35 -9.11 -36.60
N ILE D 70 -19.50 -8.22 -36.10
CA ILE D 70 -18.63 -7.36 -36.88
C ILE D 70 -17.61 -8.09 -37.71
N SER D 71 -17.71 -9.42 -37.80
CA SER D 71 -16.72 -10.13 -38.60
C SER D 71 -17.28 -10.62 -39.92
N ASN D 72 -18.54 -10.32 -40.15
CA ASN D 72 -19.18 -10.73 -41.38
C ASN D 72 -19.28 -9.51 -42.29
N ILE D 73 -18.70 -9.61 -43.48
CA ILE D 73 -18.70 -8.51 -44.46
C ILE D 73 -20.00 -7.73 -44.42
N PHE D 74 -21.11 -8.43 -44.24
CA PHE D 74 -22.44 -7.83 -44.20
C PHE D 74 -22.55 -6.72 -43.15
N TYR D 75 -22.34 -7.05 -41.88
CA TYR D 75 -22.40 -6.08 -40.81
C TYR D 75 -21.19 -5.14 -40.89
N ALA D 76 -20.12 -5.62 -41.49
CA ALA D 76 -18.93 -4.82 -41.65
C ALA D 76 -19.30 -3.45 -42.20
N GLU D 77 -19.67 -3.41 -43.50
CA GLU D 77 -20.05 -2.17 -44.21
C GLU D 77 -21.03 -1.35 -43.39
N LEU D 78 -22.04 -2.03 -42.87
CA LEU D 78 -23.06 -1.41 -42.04
C LEU D 78 -22.38 -0.57 -40.95
N ALA D 79 -21.32 -1.14 -40.38
CA ALA D 79 -20.58 -0.49 -39.31
C ALA D 79 -19.89 0.77 -39.77
N ARG D 80 -19.25 0.68 -40.94
CA ARG D 80 -18.49 1.81 -41.51
C ARG D 80 -19.43 3.00 -41.70
N GLY D 81 -20.56 2.75 -42.37
CA GLY D 81 -21.53 3.79 -42.60
C GLY D 81 -21.87 4.46 -41.30
N ILE D 82 -22.21 3.69 -40.28
CA ILE D 82 -22.56 4.30 -39.02
C ILE D 82 -21.36 5.07 -38.49
N GLU D 83 -20.18 4.47 -38.59
CA GLU D 83 -18.99 5.12 -38.08
C GLU D 83 -18.74 6.43 -38.83
N ASP D 84 -18.87 6.40 -40.15
CA ASP D 84 -18.65 7.60 -40.93
C ASP D 84 -19.58 8.76 -40.54
N ILE D 85 -20.86 8.68 -40.91
CA ILE D 85 -21.81 9.74 -40.58
C ILE D 85 -21.60 10.26 -39.16
N ALA D 86 -21.16 9.38 -38.26
CA ALA D 86 -20.96 9.78 -36.87
C ALA D 86 -19.68 10.62 -36.68
N SER D 87 -18.61 10.19 -37.33
CA SER D 87 -17.31 10.87 -37.29
C SER D 87 -17.45 12.20 -38.00
N MET D 88 -18.54 12.34 -38.72
CA MET D 88 -18.84 13.55 -39.48
C MET D 88 -19.57 14.58 -38.62
N TYR D 89 -20.34 14.08 -37.66
CA TYR D 89 -21.09 14.92 -36.73
C TYR D 89 -20.37 15.03 -35.41
N LYS D 90 -19.06 14.80 -35.44
CA LYS D 90 -18.20 14.87 -34.26
C LYS D 90 -18.66 13.99 -33.08
N TYR D 91 -19.40 12.93 -33.40
CA TYR D 91 -19.92 11.97 -32.42
C TYR D 91 -19.08 10.72 -32.35
N ASN D 92 -18.56 10.38 -31.18
CA ASN D 92 -17.74 9.18 -31.04
C ASN D 92 -18.58 7.88 -30.89
N ILE D 93 -17.97 6.74 -31.17
CA ILE D 93 -18.69 5.46 -31.11
C ILE D 93 -18.17 4.35 -30.17
N ILE D 94 -19.09 3.52 -29.71
CA ILE D 94 -18.79 2.40 -28.83
C ILE D 94 -19.47 1.19 -29.50
N LEU D 95 -18.66 0.21 -29.91
CA LEU D 95 -19.16 -0.98 -30.60
C LEU D 95 -18.98 -2.26 -29.83
N SER D 96 -19.86 -3.23 -30.08
CA SER D 96 -19.75 -4.53 -29.41
C SER D 96 -20.67 -5.51 -30.13
N ASN D 97 -20.35 -6.79 -30.00
CA ASN D 97 -21.11 -7.83 -30.66
C ASN D 97 -22.12 -8.51 -29.75
N SER D 98 -23.34 -8.67 -30.25
CA SER D 98 -24.41 -9.31 -29.49
C SER D 98 -24.52 -10.79 -29.81
N ASP D 99 -23.64 -11.29 -30.65
CA ASP D 99 -23.66 -12.71 -30.97
C ASP D 99 -25.08 -13.18 -31.28
N GLN D 100 -25.95 -12.21 -31.53
CA GLN D 100 -27.33 -12.49 -31.89
C GLN D 100 -28.22 -13.01 -30.76
N ASN D 101 -27.64 -13.39 -29.61
CA ASN D 101 -28.46 -13.93 -28.51
C ASN D 101 -28.98 -12.83 -27.57
N GLN D 102 -30.16 -13.06 -27.00
CA GLN D 102 -30.82 -12.07 -26.15
C GLN D 102 -30.20 -11.62 -24.85
N ASP D 103 -29.95 -12.54 -23.92
CA ASP D 103 -29.39 -12.12 -22.64
C ASP D 103 -28.03 -11.40 -22.76
N LYS D 104 -27.48 -11.34 -23.97
CA LYS D 104 -26.20 -10.66 -24.19
C LYS D 104 -26.50 -9.25 -24.70
N GLN D 105 -27.62 -9.12 -25.41
CA GLN D 105 -28.03 -7.85 -25.98
C GLN D 105 -28.51 -6.89 -24.89
N LEU D 106 -29.60 -7.25 -24.23
CA LEU D 106 -30.18 -6.45 -23.16
C LEU D 106 -29.10 -6.04 -22.21
N HIS D 107 -28.06 -6.87 -22.11
CA HIS D 107 -26.91 -6.59 -21.25
C HIS D 107 -26.09 -5.44 -21.86
N LEU D 108 -25.64 -5.62 -23.10
CA LEU D 108 -24.88 -4.58 -23.78
C LEU D 108 -25.70 -3.29 -23.69
N LEU D 109 -26.98 -3.40 -23.98
CA LEU D 109 -27.86 -2.25 -23.89
C LEU D 109 -27.71 -1.58 -22.54
N ASN D 110 -28.35 -2.15 -21.54
CA ASN D 110 -28.30 -1.58 -20.21
C ASN D 110 -26.93 -1.14 -19.78
N ASN D 111 -25.90 -1.69 -20.40
CA ASN D 111 -24.54 -1.32 -20.04
C ASN D 111 -24.24 0.04 -20.61
N MET D 112 -24.18 0.11 -21.94
CA MET D 112 -23.93 1.35 -22.65
C MET D 112 -24.75 2.47 -22.07
N LEU D 113 -26.00 2.15 -21.79
CA LEU D 113 -26.94 3.11 -21.20
C LEU D 113 -26.35 3.70 -19.91
N GLY D 114 -25.57 2.90 -19.19
CA GLY D 114 -25.00 3.41 -17.96
C GLY D 114 -23.69 4.11 -18.24
N LYS D 115 -23.11 3.83 -19.40
CA LYS D 115 -21.85 4.45 -19.81
C LYS D 115 -22.19 5.91 -20.15
N GLN D 116 -23.50 6.17 -20.21
CA GLN D 116 -24.00 7.51 -20.47
C GLN D 116 -24.05 7.93 -21.94
N VAL D 117 -24.28 6.98 -22.84
CA VAL D 117 -24.33 7.33 -24.24
C VAL D 117 -25.43 8.33 -24.51
N ASP D 118 -25.20 9.15 -25.53
CA ASP D 118 -26.15 10.16 -25.90
C ASP D 118 -27.11 9.58 -26.93
N GLY D 119 -26.87 8.33 -27.33
CA GLY D 119 -27.74 7.69 -28.31
C GLY D 119 -27.37 6.23 -28.56
N ILE D 120 -28.20 5.54 -29.36
CA ILE D 120 -27.96 4.13 -29.66
C ILE D 120 -28.47 3.61 -31.00
N ILE D 121 -27.57 3.08 -31.83
CA ILE D 121 -27.97 2.48 -33.12
C ILE D 121 -28.01 0.99 -32.77
N PHE D 122 -29.16 0.33 -32.94
CA PHE D 122 -29.26 -1.07 -32.57
C PHE D 122 -29.79 -2.00 -33.67
N MET D 123 -29.02 -3.04 -33.99
CA MET D 123 -29.42 -4.01 -35.01
C MET D 123 -29.23 -5.46 -34.58
N SER D 124 -30.30 -6.25 -34.68
CA SER D 124 -30.31 -7.66 -34.32
C SER D 124 -31.30 -8.39 -35.21
N GLY D 125 -31.07 -9.69 -35.42
CA GLY D 125 -31.96 -10.47 -36.26
C GLY D 125 -33.25 -10.81 -35.55
N ASN D 126 -33.31 -10.51 -34.26
CA ASN D 126 -34.50 -10.78 -33.49
C ASN D 126 -34.78 -9.71 -32.45
N VAL D 127 -35.87 -9.00 -32.62
CA VAL D 127 -36.26 -7.93 -31.73
C VAL D 127 -37.47 -8.38 -30.93
N THR D 128 -37.24 -9.32 -30.02
CA THR D 128 -38.28 -9.90 -29.18
C THR D 128 -39.18 -8.83 -28.59
N GLU D 129 -40.41 -9.19 -28.25
CA GLU D 129 -41.35 -8.24 -27.66
C GLU D 129 -40.72 -7.63 -26.42
N GLU D 130 -39.88 -8.42 -25.76
CA GLU D 130 -39.21 -7.97 -24.56
C GLU D 130 -38.39 -6.70 -24.88
N HIS D 131 -37.33 -6.85 -25.67
CA HIS D 131 -36.47 -5.73 -26.04
C HIS D 131 -37.19 -4.45 -26.44
N VAL D 132 -38.22 -4.57 -27.25
CA VAL D 132 -38.97 -3.40 -27.64
C VAL D 132 -39.31 -2.65 -26.37
N GLU D 133 -40.25 -3.22 -25.60
CA GLU D 133 -40.72 -2.65 -24.34
C GLU D 133 -39.57 -2.25 -23.43
N GLU D 134 -38.36 -2.62 -23.82
CA GLU D 134 -37.17 -2.28 -23.03
C GLU D 134 -36.55 -1.03 -23.64
N LEU D 135 -36.36 -1.05 -24.97
CA LEU D 135 -35.79 0.09 -25.69
C LEU D 135 -36.68 1.31 -25.53
N LYS D 136 -37.98 1.06 -25.59
CA LYS D 136 -39.00 2.09 -25.46
C LYS D 136 -38.80 3.03 -24.27
N LYS D 137 -38.18 2.57 -23.20
CA LYS D 137 -38.03 3.47 -22.09
C LYS D 137 -36.60 3.85 -21.84
N SER D 138 -35.76 3.64 -22.85
CA SER D 138 -34.35 4.02 -22.78
C SER D 138 -34.31 5.52 -22.53
N PRO D 139 -33.48 5.98 -21.58
CA PRO D 139 -33.36 7.41 -21.28
C PRO D 139 -32.83 8.24 -22.43
N VAL D 140 -32.19 7.60 -23.40
CA VAL D 140 -31.66 8.31 -24.57
C VAL D 140 -32.29 7.75 -25.85
N PRO D 141 -32.25 8.53 -26.96
CA PRO D 141 -32.82 8.15 -28.26
C PRO D 141 -32.24 6.88 -28.82
N VAL D 142 -33.11 6.13 -29.49
CA VAL D 142 -32.72 4.87 -30.11
C VAL D 142 -33.18 4.85 -31.57
N VAL D 143 -32.48 4.05 -32.38
CA VAL D 143 -32.82 3.90 -33.79
C VAL D 143 -32.27 2.54 -34.26
N LEU D 144 -33.15 1.76 -34.89
CA LEU D 144 -32.81 0.43 -35.40
C LEU D 144 -32.25 0.41 -36.83
N ALA D 145 -31.42 -0.60 -37.13
CA ALA D 145 -30.80 -0.74 -38.43
C ALA D 145 -30.84 -2.17 -38.99
N ALA D 146 -31.32 -2.27 -40.22
CA ALA D 146 -31.45 -3.54 -40.93
C ALA D 146 -32.38 -4.45 -40.15
N SER D 147 -32.93 -3.93 -39.05
CA SER D 147 -33.78 -4.71 -38.18
C SER D 147 -35.27 -4.60 -38.42
N ILE D 148 -35.98 -5.66 -38.11
CA ILE D 148 -37.42 -5.70 -38.29
C ILE D 148 -38.12 -5.84 -36.93
N GLU D 149 -39.19 -5.09 -36.76
CA GLU D 149 -39.96 -5.13 -35.54
C GLU D 149 -41.32 -4.58 -35.92
N SER D 150 -42.28 -5.48 -36.05
CA SER D 150 -43.64 -5.17 -36.47
C SER D 150 -44.40 -3.91 -35.97
N THR D 151 -44.37 -3.63 -34.67
CA THR D 151 -45.14 -2.49 -34.16
C THR D 151 -44.74 -1.09 -34.67
N ASN D 152 -43.43 -0.83 -34.78
CA ASN D 152 -42.89 0.45 -35.22
C ASN D 152 -42.90 1.52 -34.15
N GLN D 153 -42.82 1.08 -32.89
CA GLN D 153 -42.82 1.99 -31.77
C GLN D 153 -41.44 2.61 -31.60
N ILE D 154 -40.51 2.20 -32.44
CA ILE D 154 -39.14 2.70 -32.36
C ILE D 154 -38.65 3.07 -33.74
N PRO D 155 -38.04 4.26 -33.85
CA PRO D 155 -37.50 4.80 -35.11
C PRO D 155 -36.58 3.78 -35.76
N SER D 156 -36.66 3.63 -37.07
CA SER D 156 -35.80 2.66 -37.72
C SER D 156 -35.66 2.83 -39.20
N VAL D 157 -34.44 2.67 -39.69
CA VAL D 157 -34.22 2.77 -41.12
C VAL D 157 -34.07 1.32 -41.54
N THR D 158 -34.83 0.92 -42.54
CA THR D 158 -34.84 -0.47 -42.99
C THR D 158 -35.31 -0.48 -44.42
N ILE D 159 -35.07 -1.57 -45.16
CA ILE D 159 -35.58 -1.64 -46.52
C ILE D 159 -36.74 -2.62 -46.53
N ASP D 160 -37.46 -2.73 -47.64
CA ASP D 160 -38.59 -3.66 -47.70
C ASP D 160 -38.17 -5.06 -48.11
N TYR D 161 -37.72 -5.83 -47.14
CA TYR D 161 -37.29 -7.17 -47.41
C TYR D 161 -38.30 -7.99 -48.19
N GLU D 162 -39.59 -7.72 -48.01
CA GLU D 162 -40.57 -8.49 -48.76
C GLU D 162 -40.53 -8.14 -50.25
N GLN D 163 -40.73 -6.87 -50.58
CA GLN D 163 -40.66 -6.46 -51.99
C GLN D 163 -39.38 -7.07 -52.52
N ALA D 164 -38.27 -6.69 -51.91
CA ALA D 164 -36.96 -7.18 -52.28
C ALA D 164 -37.09 -8.61 -52.77
N ALA D 165 -37.52 -9.50 -51.87
CA ALA D 165 -37.68 -10.91 -52.22
C ALA D 165 -38.66 -11.07 -53.38
N PHE D 166 -39.79 -10.39 -53.28
CA PHE D 166 -40.81 -10.45 -54.33
C PHE D 166 -40.23 -10.05 -55.66
N ASP D 167 -39.86 -8.77 -55.76
CA ASP D 167 -39.32 -8.20 -56.98
C ASP D 167 -38.15 -8.97 -57.59
N ALA D 168 -37.64 -9.96 -56.87
CA ALA D 168 -36.52 -10.74 -57.38
C ALA D 168 -37.08 -12.07 -57.81
N VAL D 169 -37.92 -12.67 -56.96
CA VAL D 169 -38.54 -13.95 -57.28
C VAL D 169 -39.40 -13.82 -58.54
N GLN D 170 -39.86 -12.61 -58.83
CA GLN D 170 -40.66 -12.33 -60.03
C GLN D 170 -39.75 -12.35 -61.25
N SER D 171 -38.59 -11.69 -61.13
CA SER D 171 -37.62 -11.66 -62.21
C SER D 171 -37.56 -13.05 -62.82
N LEU D 172 -37.48 -14.05 -61.94
CA LEU D 172 -37.42 -15.45 -62.35
C LEU D 172 -38.64 -15.79 -63.20
N ILE D 173 -39.82 -15.58 -62.61
CA ILE D 173 -41.09 -15.84 -63.27
C ILE D 173 -41.19 -15.27 -64.67
N ASP D 174 -40.88 -13.98 -64.85
CA ASP D 174 -40.97 -13.37 -66.17
C ASP D 174 -40.02 -14.03 -67.16
N SER D 175 -39.10 -14.84 -66.64
CA SER D 175 -38.12 -15.55 -67.45
C SER D 175 -38.59 -16.98 -67.66
N GLY D 176 -39.90 -17.16 -67.51
CA GLY D 176 -40.50 -18.45 -67.75
C GLY D 176 -40.42 -19.37 -66.56
N HIS D 177 -39.27 -19.37 -65.89
CA HIS D 177 -39.05 -20.19 -64.70
C HIS D 177 -40.29 -20.30 -63.79
N LYS D 178 -40.86 -21.49 -63.77
CA LYS D 178 -42.05 -21.76 -62.97
C LYS D 178 -41.76 -22.67 -61.79
N ASN D 179 -40.54 -23.23 -61.73
CA ASN D 179 -40.16 -24.12 -60.63
C ASN D 179 -38.91 -23.58 -59.92
N ILE D 180 -39.07 -22.52 -59.16
CA ILE D 180 -37.94 -21.93 -58.46
C ILE D 180 -37.94 -22.10 -56.94
N ALA D 181 -36.93 -22.79 -56.42
CA ALA D 181 -36.82 -22.99 -54.97
C ALA D 181 -36.26 -21.73 -54.30
N PHE D 182 -36.15 -21.77 -52.98
CA PHE D 182 -35.64 -20.66 -52.17
C PHE D 182 -34.78 -21.18 -51.02
N VAL D 183 -33.47 -20.91 -51.08
CA VAL D 183 -32.57 -21.36 -50.02
C VAL D 183 -32.53 -20.31 -48.93
N SER D 184 -33.16 -20.59 -47.78
CA SER D 184 -33.18 -19.57 -46.75
C SER D 184 -32.28 -19.76 -45.53
N GLY D 185 -32.05 -18.66 -44.82
CA GLY D 185 -31.24 -18.70 -43.63
C GLY D 185 -32.11 -19.19 -42.49
N THR D 186 -31.76 -18.80 -41.27
CA THR D 186 -32.54 -19.22 -40.12
C THR D 186 -33.97 -18.73 -40.29
N LEU D 187 -34.88 -19.68 -40.52
CA LEU D 187 -36.29 -19.36 -40.71
C LEU D 187 -36.92 -18.67 -39.52
N GLU D 188 -36.34 -18.88 -38.35
CA GLU D 188 -36.86 -18.28 -37.14
C GLU D 188 -36.69 -16.76 -37.11
N GLU D 189 -35.69 -16.24 -37.84
CA GLU D 189 -35.48 -14.78 -37.86
C GLU D 189 -36.60 -14.09 -38.63
N PRO D 190 -37.50 -13.45 -37.90
CA PRO D 190 -38.65 -12.73 -38.46
C PRO D 190 -38.32 -12.04 -39.79
N ILE D 191 -37.06 -11.67 -39.97
CA ILE D 191 -36.63 -11.01 -41.20
C ILE D 191 -36.44 -12.05 -42.32
N ASN D 192 -37.12 -13.18 -42.16
CA ASN D 192 -37.08 -14.26 -43.13
C ASN D 192 -38.47 -14.84 -43.29
N HIS D 193 -38.98 -15.50 -42.24
CA HIS D 193 -40.30 -16.12 -42.31
C HIS D 193 -41.47 -15.11 -42.34
N ALA D 194 -41.18 -13.86 -42.00
CA ALA D 194 -42.20 -12.81 -41.98
C ALA D 194 -41.97 -11.75 -43.07
N LYS D 195 -40.82 -11.83 -43.73
CA LYS D 195 -40.48 -10.89 -44.79
C LYS D 195 -40.06 -11.53 -46.11
N LYS D 196 -39.01 -12.35 -46.09
CA LYS D 196 -38.55 -12.98 -47.34
C LYS D 196 -39.46 -14.11 -47.81
N VAL D 197 -39.70 -15.09 -46.97
CA VAL D 197 -40.58 -16.19 -47.35
C VAL D 197 -41.90 -15.67 -47.92
N LYS D 198 -42.59 -14.79 -47.20
CA LYS D 198 -43.86 -14.27 -47.71
C LYS D 198 -43.65 -13.52 -49.00
N GLY D 199 -42.57 -12.74 -49.05
CA GLY D 199 -42.27 -12.02 -50.27
C GLY D 199 -42.00 -13.03 -51.36
N TYR D 200 -41.53 -14.20 -50.96
CA TYR D 200 -41.24 -15.27 -51.88
C TYR D 200 -42.54 -15.88 -52.35
N LYS D 201 -43.35 -16.30 -51.39
CA LYS D 201 -44.63 -16.93 -51.71
C LYS D 201 -45.64 -15.97 -52.31
N ARG D 202 -45.49 -14.69 -52.02
CA ARG D 202 -46.42 -13.71 -52.56
C ARG D 202 -46.28 -13.67 -54.08
N ALA D 203 -45.06 -13.90 -54.55
CA ALA D 203 -44.75 -13.89 -55.97
C ALA D 203 -45.29 -15.12 -56.70
N LEU D 204 -45.23 -16.27 -56.04
CA LEU D 204 -45.72 -17.51 -56.63
C LEU D 204 -47.23 -17.47 -56.79
N THR D 205 -47.91 -17.53 -55.65
CA THR D 205 -49.35 -17.52 -55.62
C THR D 205 -49.91 -16.37 -56.45
N GLU D 206 -49.30 -15.19 -56.36
CA GLU D 206 -49.78 -14.03 -57.11
C GLU D 206 -49.81 -14.29 -58.62
N SER D 207 -48.80 -14.98 -59.13
CA SER D 207 -48.73 -15.29 -60.55
C SER D 207 -49.35 -16.66 -60.86
N GLY D 208 -49.90 -17.30 -59.83
CA GLY D 208 -50.53 -18.60 -60.00
C GLY D 208 -49.64 -19.84 -60.04
N LEU D 209 -48.45 -19.77 -59.45
CA LEU D 209 -47.58 -20.93 -59.44
C LEU D 209 -47.77 -21.59 -58.10
N PRO D 210 -47.38 -22.87 -57.97
CA PRO D 210 -47.52 -23.59 -56.71
C PRO D 210 -46.79 -22.98 -55.52
N VAL D 211 -46.85 -23.66 -54.39
CA VAL D 211 -46.18 -23.26 -53.14
C VAL D 211 -46.00 -24.48 -52.25
N ARG D 212 -45.19 -25.43 -52.71
CA ARG D 212 -44.94 -26.66 -51.96
C ARG D 212 -43.72 -26.56 -51.05
N ASP D 213 -43.74 -27.35 -49.98
CA ASP D 213 -42.65 -27.37 -49.00
C ASP D 213 -41.49 -28.25 -49.42
N SER D 214 -41.00 -28.04 -50.64
CA SER D 214 -39.87 -28.81 -51.16
C SER D 214 -38.98 -27.90 -51.99
N TYR D 215 -39.24 -26.60 -51.88
CA TYR D 215 -38.48 -25.59 -52.60
C TYR D 215 -37.84 -24.60 -51.63
N ILE D 216 -38.33 -24.61 -50.39
CA ILE D 216 -37.84 -23.71 -49.36
C ILE D 216 -37.13 -24.42 -48.20
N VAL D 217 -35.85 -24.77 -48.40
CA VAL D 217 -35.07 -25.46 -47.37
C VAL D 217 -34.20 -24.53 -46.54
N GLU D 218 -33.99 -24.94 -45.29
CA GLU D 218 -33.20 -24.19 -44.33
C GLU D 218 -31.74 -24.60 -44.35
N GLY D 219 -30.94 -23.93 -43.52
CA GLY D 219 -29.51 -24.20 -43.42
C GLY D 219 -28.81 -22.98 -42.84
N ASP D 220 -27.62 -23.20 -42.25
CA ASP D 220 -26.88 -22.09 -41.64
C ASP D 220 -26.60 -21.01 -42.70
N TYR D 221 -25.91 -19.95 -42.30
CA TYR D 221 -25.65 -18.84 -43.21
C TYR D 221 -24.38 -18.85 -44.04
N THR D 222 -23.43 -19.75 -43.76
CA THR D 222 -22.19 -19.74 -44.51
C THR D 222 -22.07 -20.63 -45.72
N TYR D 223 -21.04 -20.33 -46.52
CA TYR D 223 -20.73 -21.04 -47.75
C TYR D 223 -21.29 -22.45 -47.80
N ASP D 224 -20.79 -23.29 -46.89
CA ASP D 224 -21.20 -24.67 -46.81
C ASP D 224 -22.71 -24.88 -46.80
N SER D 225 -23.40 -24.19 -45.90
CA SER D 225 -24.86 -24.33 -45.80
C SER D 225 -25.57 -24.26 -47.15
N GLY D 226 -24.86 -23.78 -48.16
CA GLY D 226 -25.42 -23.66 -49.50
C GLY D 226 -25.13 -24.87 -50.35
N ILE D 227 -24.04 -25.56 -50.05
CA ILE D 227 -23.65 -26.77 -50.78
C ILE D 227 -24.63 -27.90 -50.50
N GLU D 228 -25.20 -27.90 -49.30
CA GLU D 228 -26.16 -28.92 -48.92
C GLU D 228 -27.45 -28.79 -49.73
N ALA D 229 -28.23 -27.77 -49.40
CA ALA D 229 -29.50 -27.51 -50.07
C ALA D 229 -29.50 -27.91 -51.54
N VAL D 230 -28.55 -27.38 -52.30
CA VAL D 230 -28.45 -27.69 -53.73
C VAL D 230 -28.70 -29.18 -53.90
N GLU D 231 -27.81 -29.97 -53.32
CA GLU D 231 -27.90 -31.43 -53.39
C GLU D 231 -29.32 -31.93 -53.21
N LYS D 232 -30.00 -31.45 -52.17
CA LYS D 232 -31.35 -31.88 -51.89
C LYS D 232 -32.34 -31.62 -53.03
N LEU D 233 -32.05 -30.64 -53.88
CA LEU D 233 -32.95 -30.29 -54.98
C LEU D 233 -32.82 -31.14 -56.25
N LEU D 234 -31.60 -31.31 -56.77
CA LEU D 234 -31.38 -32.11 -57.97
C LEU D 234 -31.92 -33.51 -57.69
N GLU D 235 -31.55 -34.00 -56.51
CA GLU D 235 -31.93 -35.31 -56.02
C GLU D 235 -33.38 -35.23 -55.54
N GLU D 236 -34.25 -34.80 -56.43
CA GLU D 236 -35.67 -34.68 -56.16
C GLU D 236 -36.41 -34.54 -57.48
N ASP D 237 -37.68 -34.94 -57.48
CA ASP D 237 -38.53 -34.91 -58.66
C ASP D 237 -39.10 -33.56 -59.12
N GLU D 238 -39.08 -32.55 -58.24
CA GLU D 238 -39.59 -31.23 -58.61
C GLU D 238 -38.45 -30.38 -59.16
N LYS D 239 -37.69 -30.97 -60.07
CA LYS D 239 -36.54 -30.32 -60.70
C LYS D 239 -36.56 -28.80 -60.59
N PRO D 240 -35.69 -28.24 -59.74
CA PRO D 240 -35.63 -26.79 -59.57
C PRO D 240 -34.93 -26.16 -60.76
N THR D 241 -35.67 -25.35 -61.51
CA THR D 241 -35.13 -24.69 -62.69
C THR D 241 -34.28 -23.48 -62.32
N ALA D 242 -34.47 -22.97 -61.11
CA ALA D 242 -33.73 -21.81 -60.60
C ALA D 242 -33.91 -21.68 -59.09
N ILE D 243 -33.06 -20.89 -58.44
CA ILE D 243 -33.18 -20.73 -56.99
C ILE D 243 -32.90 -19.31 -56.46
N PHE D 244 -33.65 -18.93 -55.45
CA PHE D 244 -33.55 -17.64 -54.79
C PHE D 244 -32.87 -17.85 -53.42
N VAL D 245 -31.84 -17.06 -53.13
CA VAL D 245 -31.09 -17.21 -51.87
C VAL D 245 -30.95 -15.94 -51.04
N GLY D 246 -31.25 -16.07 -49.74
CA GLY D 246 -31.23 -14.94 -48.83
C GLY D 246 -29.89 -14.44 -48.36
N THR D 247 -28.82 -14.91 -48.99
CA THR D 247 -27.46 -14.53 -48.66
C THR D 247 -26.57 -14.84 -49.83
N ASP D 248 -25.61 -13.96 -50.12
CA ASP D 248 -24.75 -14.22 -51.24
C ASP D 248 -23.90 -15.47 -51.03
N GLU D 249 -23.14 -15.50 -49.93
CA GLU D 249 -22.29 -16.64 -49.64
C GLU D 249 -23.07 -17.93 -49.89
N MET D 250 -24.24 -18.06 -49.26
CA MET D 250 -25.07 -19.25 -49.43
C MET D 250 -25.19 -19.57 -50.91
N ALA D 251 -25.66 -18.60 -51.69
CA ALA D 251 -25.80 -18.79 -53.13
C ALA D 251 -24.49 -19.30 -53.71
N LEU D 252 -23.43 -18.56 -53.41
CA LEU D 252 -22.10 -18.87 -53.90
C LEU D 252 -21.79 -20.34 -53.64
N GLY D 253 -22.33 -20.86 -52.54
CA GLY D 253 -22.12 -22.27 -52.21
C GLY D 253 -23.17 -23.19 -52.83
N VAL D 254 -24.02 -22.62 -53.66
CA VAL D 254 -25.07 -23.37 -54.34
C VAL D 254 -24.69 -23.43 -55.80
N ILE D 255 -24.05 -22.37 -56.26
CA ILE D 255 -23.58 -22.31 -57.63
C ILE D 255 -22.67 -23.51 -57.75
N HIS D 256 -21.77 -23.64 -56.79
CA HIS D 256 -20.81 -24.74 -56.76
C HIS D 256 -21.45 -26.09 -56.61
N GLY D 257 -22.31 -26.20 -55.60
CA GLY D 257 -22.96 -27.47 -55.38
C GLY D 257 -23.43 -28.09 -56.68
N ALA D 258 -23.98 -27.26 -57.57
CA ALA D 258 -24.51 -27.72 -58.85
C ALA D 258 -23.48 -28.06 -59.95
N GLN D 259 -22.43 -27.25 -60.09
CA GLN D 259 -21.41 -27.50 -61.11
C GLN D 259 -20.66 -28.80 -60.77
N ASP D 260 -20.53 -29.08 -59.47
CA ASP D 260 -19.88 -30.30 -59.00
C ASP D 260 -20.77 -31.48 -59.38
N ARG D 261 -22.08 -31.23 -59.49
CA ARG D 261 -23.02 -32.25 -59.91
C ARG D 261 -23.08 -32.20 -61.44
N GLY D 262 -22.07 -31.55 -62.01
CA GLY D 262 -21.96 -31.45 -63.45
C GLY D 262 -22.89 -30.50 -64.17
N LEU D 263 -23.98 -30.06 -63.53
CA LEU D 263 -24.90 -29.14 -64.20
C LEU D 263 -24.28 -27.78 -64.54
N ASN D 264 -24.84 -27.11 -65.54
CA ASN D 264 -24.36 -25.81 -65.99
C ASN D 264 -25.28 -24.65 -65.60
N VAL D 265 -24.67 -23.59 -65.07
CA VAL D 265 -25.42 -22.38 -64.70
C VAL D 265 -25.12 -21.37 -65.80
N PRO D 266 -26.16 -20.74 -66.39
CA PRO D 266 -27.60 -20.88 -66.14
C PRO D 266 -28.35 -21.85 -67.05
N ASN D 267 -27.71 -22.34 -68.11
CA ASN D 267 -28.40 -23.25 -69.00
C ASN D 267 -29.24 -24.27 -68.24
N ASP D 268 -28.69 -24.78 -67.15
CA ASP D 268 -29.37 -25.76 -66.32
C ASP D 268 -30.15 -25.07 -65.18
N LEU D 269 -29.79 -23.84 -64.81
CA LEU D 269 -30.49 -23.13 -63.72
C LEU D 269 -29.97 -21.73 -63.40
N GLU D 270 -30.87 -20.76 -63.42
CA GLU D 270 -30.54 -19.38 -63.10
C GLU D 270 -30.60 -19.27 -61.57
N ILE D 271 -29.70 -18.47 -61.00
CA ILE D 271 -29.68 -18.29 -59.56
C ILE D 271 -29.43 -16.85 -59.18
N ILE D 272 -30.30 -16.32 -58.33
CA ILE D 272 -30.18 -14.94 -57.91
C ILE D 272 -30.00 -14.88 -56.38
N GLY D 273 -28.96 -14.16 -55.93
CA GLY D 273 -28.67 -14.05 -54.50
C GLY D 273 -29.29 -12.88 -53.74
N PHE D 274 -28.71 -12.54 -52.59
CA PHE D 274 -29.26 -11.45 -51.78
C PHE D 274 -28.15 -10.73 -50.99
N ASP D 275 -28.19 -9.39 -51.05
CA ASP D 275 -27.24 -8.48 -50.37
C ASP D 275 -26.34 -7.74 -51.35
N ASN D 276 -25.91 -8.42 -52.40
CA ASN D 276 -25.02 -7.83 -53.39
C ASN D 276 -23.71 -7.49 -52.69
N THR D 277 -23.06 -8.51 -52.11
CA THR D 277 -21.80 -8.28 -51.40
C THR D 277 -20.69 -8.16 -52.42
N ARG D 278 -19.58 -7.53 -52.03
CA ARG D 278 -18.43 -7.36 -52.92
C ARG D 278 -18.00 -8.78 -53.31
N LEU D 279 -18.51 -9.74 -52.55
CA LEU D 279 -18.22 -11.15 -52.74
C LEU D 279 -18.99 -11.64 -53.95
N SER D 280 -20.11 -10.98 -54.20
CA SER D 280 -21.01 -11.30 -55.32
C SER D 280 -20.25 -11.32 -56.65
N THR D 281 -19.63 -10.19 -56.98
CA THR D 281 -18.86 -10.07 -58.22
C THR D 281 -17.62 -10.96 -58.18
N MET D 282 -17.29 -11.47 -57.00
CA MET D 282 -16.12 -12.31 -56.86
C MET D 282 -16.30 -13.69 -57.48
N VAL D 283 -17.51 -14.23 -57.43
CA VAL D 283 -17.78 -15.55 -57.97
C VAL D 283 -17.69 -15.64 -59.48
N ARG D 284 -17.70 -16.86 -59.98
CA ARG D 284 -17.66 -17.13 -61.42
C ARG D 284 -18.49 -18.38 -61.66
N PRO D 285 -19.61 -18.25 -62.39
CA PRO D 285 -20.24 -17.02 -62.92
C PRO D 285 -20.48 -15.88 -61.94
N GLN D 286 -20.75 -14.69 -62.47
CA GLN D 286 -21.04 -13.53 -61.62
C GLN D 286 -22.46 -13.60 -61.11
N LEU D 287 -22.62 -13.53 -59.78
CA LEU D 287 -23.92 -13.64 -59.15
C LEU D 287 -24.84 -12.42 -59.16
N THR D 288 -25.97 -12.54 -59.84
CA THR D 288 -26.95 -11.46 -59.88
C THR D 288 -27.53 -11.44 -58.47
N SER D 289 -27.61 -10.27 -57.84
CA SER D 289 -28.13 -10.21 -56.49
C SER D 289 -29.08 -9.05 -56.18
N VAL D 290 -29.86 -9.24 -55.13
CA VAL D 290 -30.80 -8.24 -54.65
C VAL D 290 -29.95 -7.23 -53.90
N VAL D 291 -29.99 -5.96 -54.31
CA VAL D 291 -29.19 -4.94 -53.64
C VAL D 291 -29.76 -4.48 -52.29
N GLN D 292 -28.96 -4.56 -51.24
CA GLN D 292 -29.36 -4.09 -49.92
C GLN D 292 -28.25 -3.13 -49.48
N PRO D 293 -28.48 -1.83 -49.68
CA PRO D 293 -27.49 -0.81 -49.32
C PRO D 293 -27.21 -0.75 -47.82
N MET D 294 -26.24 -1.54 -47.38
CA MET D 294 -25.87 -1.57 -45.98
C MET D 294 -25.17 -0.28 -45.58
N TYR D 295 -24.13 0.12 -46.33
CA TYR D 295 -23.43 1.35 -45.97
C TYR D 295 -24.40 2.48 -45.78
N ASP D 296 -25.43 2.49 -46.62
CA ASP D 296 -26.47 3.51 -46.53
C ASP D 296 -27.36 3.30 -45.32
N ILE D 297 -27.83 2.07 -45.10
CA ILE D 297 -28.68 1.76 -43.95
C ILE D 297 -28.03 2.24 -42.64
N GLY D 298 -26.71 2.10 -42.58
CA GLY D 298 -25.99 2.51 -41.40
C GLY D 298 -25.82 4.00 -41.31
N ALA D 299 -25.39 4.61 -42.41
CA ALA D 299 -25.19 6.05 -42.45
C ALA D 299 -26.50 6.76 -42.13
N VAL D 300 -27.59 6.26 -42.67
CA VAL D 300 -28.89 6.90 -42.42
C VAL D 300 -29.32 6.81 -40.96
N ALA D 301 -29.24 5.60 -40.41
CA ALA D 301 -29.65 5.37 -39.03
C ALA D 301 -28.87 6.24 -38.09
N MET D 302 -27.60 6.48 -38.38
CA MET D 302 -26.81 7.31 -37.48
C MET D 302 -27.25 8.75 -37.68
N ARG D 303 -27.15 9.19 -38.94
CA ARG D 303 -27.53 10.54 -39.32
C ARG D 303 -28.89 10.83 -38.70
N LEU D 304 -29.85 9.93 -38.87
CA LEU D 304 -31.19 10.10 -38.30
C LEU D 304 -31.10 10.29 -36.81
N LEU D 305 -30.35 9.42 -36.15
CA LEU D 305 -30.17 9.49 -34.70
C LEU D 305 -29.61 10.84 -34.25
N THR D 306 -28.69 11.40 -35.02
CA THR D 306 -28.10 12.67 -34.66
C THR D 306 -29.19 13.72 -34.76
N LYS D 307 -30.10 13.47 -35.67
CA LYS D 307 -31.19 14.40 -35.90
C LYS D 307 -32.28 14.08 -34.91
N TYR D 308 -31.87 13.70 -33.70
CA TYR D 308 -32.82 13.37 -32.64
C TYR D 308 -32.20 13.87 -31.37
N MET D 309 -30.93 13.55 -31.18
CA MET D 309 -30.19 13.99 -30.02
C MET D 309 -30.15 15.49 -30.00
N ASN D 310 -29.93 16.08 -31.18
CA ASN D 310 -29.88 17.53 -31.32
C ASN D 310 -31.29 18.09 -31.41
N LYS D 311 -32.26 17.19 -31.32
CA LYS D 311 -33.68 17.52 -31.34
C LYS D 311 -34.17 18.32 -32.54
N GLU D 312 -33.81 17.88 -33.74
CA GLU D 312 -34.25 18.53 -34.96
C GLU D 312 -35.61 17.97 -35.34
N THR D 313 -36.04 18.22 -36.57
CA THR D 313 -37.36 17.74 -36.96
C THR D 313 -37.29 16.45 -37.77
N VAL D 314 -37.96 15.43 -37.25
CA VAL D 314 -38.05 14.15 -37.92
C VAL D 314 -39.41 14.15 -38.56
N ASP D 315 -39.44 13.69 -39.80
CA ASP D 315 -40.66 13.65 -40.56
C ASP D 315 -41.17 12.22 -40.67
N SER D 316 -40.32 11.27 -40.29
CA SER D 316 -40.69 9.86 -40.34
C SER D 316 -39.70 9.04 -39.54
N SER D 317 -40.23 8.10 -38.77
CA SER D 317 -39.40 7.24 -37.96
C SER D 317 -39.43 5.87 -38.58
N ILE D 318 -39.88 5.80 -39.83
CA ILE D 318 -39.95 4.51 -40.48
C ILE D 318 -39.16 4.49 -41.79
N VAL D 319 -38.10 5.28 -41.88
CA VAL D 319 -37.26 5.34 -43.08
C VAL D 319 -36.96 4.01 -43.81
N GLU D 320 -37.09 4.03 -45.14
CA GLU D 320 -36.83 2.85 -45.98
C GLU D 320 -36.09 3.25 -47.24
N LEU D 321 -34.83 2.86 -47.39
CA LEU D 321 -34.15 3.19 -48.63
C LEU D 321 -34.69 2.20 -49.64
N PRO D 322 -34.48 2.45 -50.93
CA PRO D 322 -34.97 1.56 -52.00
C PRO D 322 -33.98 0.46 -52.32
N HIS D 323 -34.32 -0.38 -53.28
CA HIS D 323 -33.44 -1.48 -53.68
C HIS D 323 -33.49 -1.67 -55.18
N ARG D 324 -32.70 -2.63 -55.66
CA ARG D 324 -32.65 -2.92 -57.09
C ARG D 324 -32.19 -4.34 -57.21
N ILE D 325 -31.65 -4.67 -58.38
CA ILE D 325 -31.13 -6.00 -58.64
C ILE D 325 -29.96 -5.84 -59.62
N GLU D 326 -28.85 -6.50 -59.34
CA GLU D 326 -27.69 -6.41 -60.23
C GLU D 326 -27.57 -7.68 -61.05
N PHE D 327 -28.17 -7.66 -62.24
CA PHE D 327 -28.12 -8.83 -63.08
C PHE D 327 -26.72 -9.04 -63.61
N ARG D 328 -26.30 -10.30 -63.58
CA ARG D 328 -24.96 -10.65 -64.03
C ARG D 328 -24.99 -11.95 -64.82
N GLN D 329 -23.90 -12.71 -64.75
CA GLN D 329 -23.72 -13.97 -65.46
C GLN D 329 -24.46 -15.17 -64.87
N SER D 330 -25.35 -14.95 -63.91
CA SER D 330 -26.08 -16.05 -63.30
C SER D 330 -27.50 -16.16 -63.82
N THR D 331 -27.90 -15.20 -64.66
CA THR D 331 -29.23 -15.23 -65.22
C THR D 331 -29.24 -14.72 -66.65
N LYS D 332 -30.24 -15.15 -67.42
CA LYS D 332 -30.40 -14.75 -68.80
C LYS D 332 -30.84 -13.29 -68.83
N MET E 1 -28.11 31.76 -58.98
CA MET E 1 -28.39 30.28 -58.97
C MET E 1 -27.85 29.60 -60.25
N VAL E 2 -26.86 28.72 -60.08
CA VAL E 2 -26.27 28.04 -61.22
C VAL E 2 -26.74 26.59 -61.33
N GLN E 3 -27.13 26.18 -62.52
CA GLN E 3 -27.65 24.84 -62.72
C GLN E 3 -26.84 24.04 -63.71
N GLN E 4 -26.98 22.71 -63.64
CA GLN E 4 -26.31 21.75 -64.54
C GLN E 4 -26.86 20.32 -64.49
N LYS E 5 -27.08 19.74 -65.67
CA LYS E 5 -27.55 18.36 -65.79
C LYS E 5 -26.27 17.59 -66.02
N VAL E 6 -26.08 16.51 -65.26
CA VAL E 6 -24.89 15.70 -65.40
C VAL E 6 -25.21 14.21 -65.41
N GLU E 7 -24.29 13.44 -65.99
CA GLU E 7 -24.41 11.98 -65.98
C GLU E 7 -23.83 11.60 -64.61
N VAL E 8 -23.44 10.35 -64.43
CA VAL E 8 -22.81 9.96 -63.18
C VAL E 8 -21.95 8.74 -63.51
N ARG E 9 -20.85 8.97 -64.25
CA ARG E 9 -19.93 7.89 -64.67
C ARG E 9 -19.43 7.05 -63.51
N LEU E 10 -19.97 7.29 -62.30
CA LEU E 10 -19.55 6.49 -61.14
C LEU E 10 -19.92 5.02 -61.29
N LYS E 11 -19.09 4.15 -60.73
CA LYS E 11 -19.35 2.73 -60.86
C LYS E 11 -20.38 2.26 -59.83
N THR E 12 -20.30 2.85 -58.65
CA THR E 12 -21.22 2.52 -57.59
C THR E 12 -22.35 3.52 -57.66
N GLY E 13 -22.10 4.59 -58.39
CA GLY E 13 -23.10 5.64 -58.51
C GLY E 13 -23.00 6.48 -57.24
N LEU E 14 -24.12 7.04 -56.82
CA LEU E 14 -24.14 7.86 -55.62
C LEU E 14 -24.68 7.07 -54.43
N GLN E 15 -24.01 5.98 -54.10
CA GLN E 15 -24.42 5.16 -52.98
C GLN E 15 -23.16 4.75 -52.23
N ALA E 16 -23.33 4.02 -51.13
CA ALA E 16 -22.17 3.59 -50.38
C ALA E 16 -21.39 4.82 -49.97
N ARG E 17 -20.18 4.61 -49.48
CA ARG E 17 -19.38 5.75 -49.04
C ARG E 17 -19.21 6.84 -50.10
N PRO E 18 -19.08 6.45 -51.37
CA PRO E 18 -18.94 7.48 -52.40
C PRO E 18 -20.00 8.55 -52.14
N ALA E 19 -21.25 8.09 -52.07
CA ALA E 19 -22.36 8.95 -51.77
C ALA E 19 -21.95 9.80 -50.58
N ALA E 20 -21.71 9.16 -49.44
CA ALA E 20 -21.31 9.86 -48.23
C ALA E 20 -20.18 10.87 -48.40
N LEU E 21 -19.25 10.59 -49.31
CA LEU E 21 -18.16 11.55 -49.53
C LEU E 21 -18.70 12.77 -50.28
N PHE E 22 -19.58 12.51 -51.26
CA PHE E 22 -20.24 13.53 -52.06
C PHE E 22 -20.82 14.59 -51.13
N VAL E 23 -21.57 14.15 -50.12
CA VAL E 23 -22.16 15.05 -49.14
C VAL E 23 -21.12 15.84 -48.37
N GLN E 24 -20.08 15.18 -47.86
CA GLN E 24 -19.07 15.95 -47.15
C GLN E 24 -18.42 16.94 -48.13
N GLU E 25 -18.24 16.52 -49.37
CA GLU E 25 -17.65 17.39 -50.38
C GLU E 25 -18.51 18.63 -50.56
N ALA E 26 -19.82 18.40 -50.62
CA ALA E 26 -20.79 19.47 -50.79
C ALA E 26 -20.69 20.54 -49.72
N ASN E 27 -20.40 20.13 -48.48
CA ASN E 27 -20.33 21.08 -47.37
C ASN E 27 -19.12 22.00 -47.35
N ARG E 28 -18.21 21.83 -48.30
CA ARG E 28 -17.06 22.72 -48.35
C ARG E 28 -17.44 24.02 -49.08
N PHE E 29 -18.74 24.23 -49.27
CA PHE E 29 -19.25 25.39 -49.97
C PHE E 29 -20.36 26.08 -49.19
N THR E 30 -20.32 27.42 -49.12
CA THR E 30 -21.33 28.14 -48.39
C THR E 30 -22.65 28.08 -49.14
N SER E 31 -22.55 27.90 -50.45
CA SER E 31 -23.71 27.85 -51.33
C SER E 31 -24.73 26.75 -51.09
N ASP E 32 -25.97 27.12 -50.82
CA ASP E 32 -27.01 26.11 -50.65
C ASP E 32 -26.85 25.27 -51.90
N ILE E 33 -26.76 23.98 -51.74
CA ILE E 33 -26.59 23.14 -52.89
C ILE E 33 -27.70 22.12 -52.94
N PHE E 34 -28.04 21.67 -54.15
CA PHE E 34 -29.12 20.72 -54.32
C PHE E 34 -28.86 19.73 -55.40
N LEU E 35 -29.61 18.63 -55.35
CA LEU E 35 -29.53 17.60 -56.36
C LEU E 35 -30.92 17.11 -56.73
N GLU E 36 -31.26 17.25 -58.01
CA GLU E 36 -32.55 16.83 -58.57
C GLU E 36 -32.39 15.47 -59.25
N LYS E 37 -33.38 14.60 -59.07
CA LYS E 37 -33.33 13.29 -59.71
C LYS E 37 -34.71 12.96 -60.28
N ASP E 38 -34.80 12.95 -61.59
CA ASP E 38 -36.03 12.62 -62.29
C ASP E 38 -37.24 13.30 -61.66
N GLY E 39 -37.06 14.49 -61.07
CA GLY E 39 -38.20 15.16 -60.47
C GLY E 39 -38.13 15.50 -58.98
N LYS E 40 -37.62 14.59 -58.16
CA LYS E 40 -37.49 14.86 -56.73
C LYS E 40 -36.07 15.34 -56.45
N LYS E 41 -35.96 16.45 -55.73
CA LYS E 41 -34.66 17.03 -55.41
C LYS E 41 -34.48 17.19 -53.93
N VAL E 42 -33.30 16.85 -53.43
CA VAL E 42 -33.04 16.96 -52.01
C VAL E 42 -31.78 17.79 -51.75
N ASN E 43 -31.57 18.21 -50.50
CA ASN E 43 -30.41 18.99 -50.11
C ASN E 43 -29.21 18.07 -50.32
N ALA E 44 -28.17 18.55 -50.98
CA ALA E 44 -26.99 17.73 -51.22
C ALA E 44 -25.97 17.76 -50.09
N LYS E 45 -26.30 18.43 -49.01
CA LYS E 45 -25.39 18.52 -47.87
C LYS E 45 -26.02 17.71 -46.77
N SEP E 46 -27.08 17.00 -47.13
CA SEP E 46 -27.82 16.17 -46.21
CB SEP E 46 -29.28 16.56 -46.27
OG SEP E 46 -30.08 15.56 -45.71
C SEP E 46 -27.69 14.71 -46.59
O SEP E 46 -28.02 14.35 -47.71
P SEP E 46 -30.32 15.53 -44.15
O1P SEP E 46 -29.93 16.88 -43.63
O2P SEP E 46 -31.79 15.44 -43.84
O3P SEP E 46 -29.66 14.29 -43.71
N ILE E 47 -27.25 13.89 -45.66
CA ILE E 47 -27.09 12.47 -45.94
C ILE E 47 -28.45 11.81 -46.14
N MET E 48 -29.41 12.18 -45.30
CA MET E 48 -30.74 11.61 -45.37
C MET E 48 -31.24 11.65 -46.81
N GLY E 49 -31.36 12.88 -47.32
CA GLY E 49 -31.86 13.10 -48.66
C GLY E 49 -31.15 12.43 -49.81
N LEU E 50 -29.93 12.84 -50.07
CA LEU E 50 -29.13 12.29 -51.15
C LEU E 50 -29.23 10.78 -51.23
N MET E 51 -29.19 10.09 -50.09
CA MET E 51 -29.26 8.63 -50.08
C MET E 51 -30.62 8.02 -50.36
N SER E 52 -31.70 8.79 -50.22
CA SER E 52 -33.05 8.30 -50.50
C SER E 52 -33.34 8.16 -52.01
N LEU E 53 -32.55 8.82 -52.83
CA LEU E 53 -32.74 8.75 -54.26
C LEU E 53 -32.10 7.51 -54.84
N ALA E 54 -31.04 7.03 -54.19
CA ALA E 54 -30.34 5.84 -54.67
C ALA E 54 -30.08 6.03 -56.18
N ILE E 55 -29.14 6.91 -56.49
CA ILE E 55 -28.81 7.21 -57.87
C ILE E 55 -27.71 6.28 -58.32
N SER E 56 -28.05 5.40 -59.25
CA SER E 56 -27.09 4.46 -59.76
C SER E 56 -26.51 4.93 -61.10
N THR E 57 -25.47 4.24 -61.54
CA THR E 57 -24.79 4.56 -62.79
C THR E 57 -25.76 4.82 -63.95
N GLY E 58 -25.29 5.58 -64.92
CA GLY E 58 -26.11 5.87 -66.08
C GLY E 58 -27.20 6.90 -65.91
N THR E 59 -27.59 7.20 -64.68
CA THR E 59 -28.64 8.19 -64.49
C THR E 59 -28.07 9.59 -64.67
N GLU E 60 -28.86 10.47 -65.26
CA GLU E 60 -28.48 11.86 -65.50
C GLU E 60 -29.24 12.65 -64.44
N ILE E 61 -28.59 13.61 -63.82
CA ILE E 61 -29.27 14.39 -62.81
C ILE E 61 -28.88 15.85 -62.79
N THR E 62 -29.84 16.71 -62.51
CA THR E 62 -29.62 18.14 -62.43
C THR E 62 -29.12 18.51 -61.04
N LEU E 63 -28.05 19.29 -60.93
CA LEU E 63 -27.52 19.73 -59.60
C LEU E 63 -27.60 21.24 -59.60
N ILE E 64 -28.03 21.77 -58.47
CA ILE E 64 -28.28 23.19 -58.34
C ILE E 64 -27.37 23.77 -57.25
N ALA E 65 -26.95 25.02 -57.48
CA ALA E 65 -26.14 25.71 -56.51
C ALA E 65 -26.42 27.23 -56.44
N GLN E 66 -26.79 27.74 -55.25
CA GLN E 66 -27.11 29.14 -55.14
C GLN E 66 -26.38 29.76 -54.01
N GLY E 67 -25.30 30.46 -54.36
CA GLY E 67 -24.53 31.14 -53.33
C GLY E 67 -23.19 31.67 -53.81
N GLU E 68 -22.51 32.49 -53.00
CA GLU E 68 -21.19 33.13 -53.28
C GLU E 68 -20.25 32.25 -54.16
N ASP E 69 -20.23 30.98 -53.82
CA ASP E 69 -19.43 29.98 -54.54
C ASP E 69 -20.19 28.92 -55.35
N GLU E 70 -21.28 29.33 -55.99
CA GLU E 70 -22.07 28.42 -56.79
C GLU E 70 -21.32 27.82 -57.97
N GLN E 71 -20.49 28.63 -58.61
CA GLN E 71 -19.72 28.15 -59.76
C GLN E 71 -18.73 27.15 -59.19
N GLU E 72 -17.96 27.62 -58.23
CA GLU E 72 -16.95 26.81 -57.56
C GLU E 72 -17.59 25.48 -57.13
N ALA E 73 -18.67 25.56 -56.37
CA ALA E 73 -19.38 24.36 -55.93
C ALA E 73 -19.60 23.46 -57.14
N LEU E 74 -20.57 23.84 -57.97
CA LEU E 74 -20.93 23.11 -59.19
C LEU E 74 -19.74 22.50 -59.94
N GLU E 75 -18.72 23.32 -60.17
CA GLU E 75 -17.50 22.90 -60.87
C GLU E 75 -17.11 21.54 -60.29
N LYS E 76 -16.88 21.52 -58.98
CA LYS E 76 -16.47 20.35 -58.21
C LYS E 76 -17.47 19.21 -58.18
N LEU E 77 -18.70 19.48 -57.74
CA LEU E 77 -19.69 18.41 -57.67
C LEU E 77 -19.84 17.65 -58.99
N ALA E 78 -20.32 18.33 -60.03
CA ALA E 78 -20.48 17.67 -61.33
C ALA E 78 -19.21 16.90 -61.66
N ALA E 79 -18.07 17.56 -61.45
CA ALA E 79 -16.75 16.98 -61.70
C ALA E 79 -16.58 15.62 -61.04
N TYR E 80 -16.92 15.58 -59.75
CA TYR E 80 -16.83 14.39 -58.91
C TYR E 80 -17.69 13.26 -59.45
N VAL E 81 -18.98 13.54 -59.62
CA VAL E 81 -19.94 12.58 -60.13
C VAL E 81 -19.60 12.09 -61.54
N GLN E 82 -18.78 12.86 -62.22
CA GLN E 82 -18.36 12.51 -63.56
C GLN E 82 -17.43 11.32 -63.57
N GLU E 83 -17.02 10.88 -62.38
CA GLU E 83 -16.06 9.78 -62.22
C GLU E 83 -14.76 10.33 -62.77
N GLU E 84 -14.87 11.07 -63.87
CA GLU E 84 -13.75 11.73 -64.56
C GLU E 84 -13.33 12.99 -63.79
N MET F 1 -19.08 -9.10 40.51
CA MET F 1 -18.02 -9.83 41.28
C MET F 1 -18.09 -11.30 40.92
N ASN F 2 -19.30 -11.84 40.96
CA ASN F 2 -19.52 -13.24 40.62
C ASN F 2 -19.78 -13.14 39.12
N VAL F 3 -20.30 -11.99 38.70
CA VAL F 3 -20.57 -11.73 37.31
C VAL F 3 -19.41 -10.89 36.82
N THR F 4 -18.73 -11.39 35.80
CA THR F 4 -17.59 -10.69 35.27
C THR F 4 -17.86 -10.26 33.84
N ILE F 5 -16.90 -9.58 33.23
CA ILE F 5 -17.01 -9.10 31.85
C ILE F 5 -17.28 -10.28 30.92
N TYR F 6 -16.71 -11.40 31.29
CA TYR F 6 -16.82 -12.66 30.59
C TYR F 6 -18.31 -13.06 30.58
N ASP F 7 -19.03 -12.66 31.63
CA ASP F 7 -20.45 -12.96 31.78
C ASP F 7 -21.36 -12.01 31.02
N VAL F 8 -20.96 -10.75 30.94
CA VAL F 8 -21.74 -9.75 30.22
C VAL F 8 -21.66 -10.06 28.73
N ALA F 9 -20.43 -10.20 28.22
CA ALA F 9 -20.19 -10.52 26.82
C ALA F 9 -21.18 -11.56 26.34
N ARG F 10 -21.25 -12.69 27.03
CA ARG F 10 -22.16 -13.75 26.66
C ARG F 10 -23.59 -13.19 26.59
N GLU F 11 -24.11 -12.78 27.74
CA GLU F 11 -25.47 -12.25 27.86
C GLU F 11 -25.74 -11.09 26.89
N ALA F 12 -24.68 -10.46 26.40
CA ALA F 12 -24.84 -9.36 25.44
C ALA F 12 -24.55 -9.85 24.03
N SER F 13 -24.16 -11.11 23.95
CA SER F 13 -23.83 -11.74 22.68
C SER F 13 -22.80 -10.93 21.90
N VAL F 14 -21.96 -10.21 22.63
CA VAL F 14 -20.91 -9.41 22.02
C VAL F 14 -19.58 -9.99 22.45
N SER F 15 -18.49 -9.35 22.05
CA SER F 15 -17.16 -9.83 22.42
C SER F 15 -16.69 -9.15 23.69
N MET F 16 -15.83 -9.86 24.42
CA MET F 16 -15.26 -9.40 25.68
C MET F 16 -14.52 -8.07 25.47
N ALA F 17 -13.98 -7.90 24.26
CA ALA F 17 -13.23 -6.70 23.85
C ALA F 17 -14.20 -5.55 23.66
N THR F 18 -15.43 -5.88 23.32
CA THR F 18 -16.47 -4.89 23.16
C THR F 18 -16.83 -4.38 24.54
N VAL F 19 -17.40 -5.26 25.37
CA VAL F 19 -17.79 -4.90 26.73
C VAL F 19 -16.79 -3.93 27.33
N SER F 20 -15.51 -4.29 27.29
CA SER F 20 -14.48 -3.41 27.82
C SER F 20 -14.64 -1.98 27.31
N ARG F 21 -14.65 -1.81 25.99
CA ARG F 21 -14.83 -0.48 25.42
C ARG F 21 -16.01 0.25 26.03
N VAL F 22 -17.22 -0.27 25.87
CA VAL F 22 -18.38 0.40 26.45
C VAL F 22 -18.17 0.73 27.92
N VAL F 23 -17.42 -0.10 28.66
CA VAL F 23 -17.20 0.20 30.06
C VAL F 23 -16.38 1.47 30.18
N ASN F 24 -15.32 1.58 29.38
CA ASN F 24 -14.49 2.76 29.43
C ASN F 24 -14.93 3.86 28.47
N GLY F 25 -16.19 3.81 28.08
CA GLY F 25 -16.75 4.82 27.18
C GLY F 25 -16.11 5.00 25.82
N ASN F 26 -15.01 4.29 25.58
CA ASN F 26 -14.32 4.37 24.31
C ASN F 26 -15.30 4.58 23.16
N PRO F 27 -15.22 5.74 22.47
CA PRO F 27 -16.15 5.96 21.36
C PRO F 27 -15.53 5.08 20.28
N ASN F 28 -16.24 4.04 19.89
CA ASN F 28 -15.76 3.07 18.90
C ASN F 28 -16.79 2.00 19.10
N VAL F 29 -17.96 2.49 19.51
CA VAL F 29 -19.08 1.65 19.80
C VAL F 29 -20.26 2.15 19.01
N LYS F 30 -21.06 1.22 18.51
CA LYS F 30 -22.25 1.59 17.78
C LYS F 30 -23.31 1.72 18.86
N PRO F 31 -23.89 2.92 19.04
CA PRO F 31 -24.92 3.14 20.06
C PRO F 31 -25.90 1.98 20.13
N SER F 32 -26.47 1.63 18.98
CA SER F 32 -27.42 0.52 18.91
C SER F 32 -26.87 -0.72 19.64
N THR F 33 -25.56 -0.79 19.79
CA THR F 33 -24.93 -1.91 20.47
C THR F 33 -24.49 -1.52 21.88
N ARG F 34 -24.22 -0.24 22.08
CA ARG F 34 -23.81 0.31 23.39
C ARG F 34 -24.99 0.24 24.37
N LYS F 35 -26.18 0.52 23.87
CA LYS F 35 -27.40 0.46 24.67
C LYS F 35 -27.38 -0.99 25.13
N LYS F 36 -27.54 -1.89 24.17
CA LYS F 36 -27.54 -3.32 24.41
C LYS F 36 -26.64 -3.70 25.59
N VAL F 37 -25.34 -3.44 25.43
CA VAL F 37 -24.36 -3.75 26.46
C VAL F 37 -24.65 -3.07 27.78
N LEU F 38 -24.40 -1.77 27.82
CA LEU F 38 -24.58 -0.93 28.99
C LEU F 38 -25.74 -1.32 29.92
N GLU F 39 -26.86 -1.72 29.34
CA GLU F 39 -28.00 -2.11 30.18
C GLU F 39 -27.80 -3.50 30.76
N THR F 40 -27.33 -4.43 29.95
CA THR F 40 -27.08 -5.80 30.37
C THR F 40 -26.12 -5.82 31.56
N ILE F 41 -25.48 -4.69 31.82
CA ILE F 41 -24.56 -4.59 32.93
C ILE F 41 -25.35 -4.03 34.10
N GLU F 42 -26.41 -3.31 33.75
CA GLU F 42 -27.27 -2.67 34.72
C GLU F 42 -28.26 -3.61 35.42
N ARG F 43 -28.51 -4.77 34.83
CA ARG F 43 -29.43 -5.73 35.44
C ARG F 43 -28.62 -6.85 36.08
N LEU F 44 -27.66 -7.34 35.32
CA LEU F 44 -26.77 -8.41 35.75
C LEU F 44 -25.89 -7.99 36.94
N GLY F 45 -25.87 -6.69 37.23
CA GLY F 45 -25.11 -6.19 38.38
C GLY F 45 -23.61 -5.97 38.26
N TYR F 46 -23.02 -6.41 37.16
CA TYR F 46 -21.59 -6.27 36.94
C TYR F 46 -21.00 -5.00 37.53
N ARG F 47 -19.99 -5.16 38.37
CA ARG F 47 -19.28 -4.04 38.93
C ARG F 47 -17.87 -4.46 38.54
N PRO F 48 -17.12 -3.56 37.86
CA PRO F 48 -15.75 -3.79 37.38
C PRO F 48 -14.75 -3.99 38.50
N ASN F 49 -13.73 -4.77 38.23
CA ASN F 49 -12.70 -5.01 39.23
C ASN F 49 -11.44 -4.16 39.02
N ALA F 50 -11.34 -3.04 39.73
CA ALA F 50 -10.17 -2.19 39.57
C ALA F 50 -8.89 -2.97 39.47
N VAL F 51 -8.70 -3.93 40.37
CA VAL F 51 -7.47 -4.71 40.37
C VAL F 51 -7.21 -5.50 39.10
N ALA F 52 -8.22 -6.18 38.57
CA ALA F 52 -8.03 -6.95 37.33
C ALA F 52 -7.65 -5.92 36.26
N ARG F 53 -8.33 -4.79 36.25
CA ARG F 53 -8.02 -3.77 35.28
C ARG F 53 -6.58 -3.37 35.44
N GLY F 54 -6.33 -2.67 36.52
CA GLY F 54 -4.99 -2.16 36.71
C GLY F 54 -3.80 -3.01 36.31
N LEU F 55 -3.85 -4.29 36.64
CA LEU F 55 -2.78 -5.21 36.18
C LEU F 55 -2.72 -5.36 34.62
N ALA F 56 -3.90 -5.43 34.00
CA ALA F 56 -4.03 -5.56 32.54
C ALA F 56 -3.58 -4.27 31.88
N SER F 57 -3.82 -3.15 32.55
CA SER F 57 -3.47 -1.83 32.00
C SER F 57 -2.29 -1.09 32.63
N LYS F 58 -1.58 -1.70 33.56
CA LYS F 58 -0.45 -1.01 34.15
C LYS F 58 -0.72 0.45 34.58
N LYS F 59 -1.87 0.71 35.18
CA LYS F 59 -2.25 2.03 35.70
C LYS F 59 -3.42 1.81 36.65
N THR F 60 -3.22 2.11 37.92
CA THR F 60 -4.26 1.88 38.92
C THR F 60 -5.09 3.11 39.30
N THR F 61 -4.76 4.26 38.73
CA THR F 61 -5.47 5.51 38.99
C THR F 61 -5.67 5.84 40.47
N THR F 62 -4.65 5.56 41.27
CA THR F 62 -4.68 5.84 42.69
C THR F 62 -3.30 6.40 42.97
N VAL F 63 -3.21 7.59 43.54
CA VAL F 63 -1.88 8.07 43.84
C VAL F 63 -1.80 7.90 45.33
N GLY F 64 -0.59 7.92 45.87
CA GLY F 64 -0.45 7.79 47.30
C GLY F 64 0.20 9.05 47.84
N VAL F 65 -0.30 9.54 48.96
CA VAL F 65 0.31 10.72 49.55
C VAL F 65 1.11 10.29 50.78
N ILE F 66 1.97 11.18 51.25
CA ILE F 66 2.78 10.94 52.43
C ILE F 66 2.80 12.24 53.21
N ILE F 67 1.87 12.40 54.14
CA ILE F 67 1.83 13.61 54.94
C ILE F 67 2.35 13.36 56.35
N PRO F 68 3.01 14.34 56.96
CA PRO F 68 3.54 14.16 58.31
C PRO F 68 2.56 13.63 59.37
N ASP F 69 1.54 14.40 59.74
CA ASP F 69 0.58 13.97 60.77
C ASP F 69 -0.83 14.55 60.58
N ILE F 70 -1.67 13.80 59.88
CA ILE F 70 -3.03 14.19 59.54
C ILE F 70 -3.91 14.63 60.71
N SER F 71 -3.34 14.77 61.91
CA SER F 71 -4.11 15.19 63.08
C SER F 71 -3.97 16.67 63.35
N ASN F 72 -3.15 17.33 62.54
CA ASN F 72 -2.91 18.74 62.71
C ASN F 72 -3.73 19.54 61.72
N ILE F 73 -4.63 20.37 62.23
CA ILE F 73 -5.49 21.23 61.43
C ILE F 73 -4.76 21.74 60.19
N PHE F 74 -3.45 21.90 60.30
CA PHE F 74 -2.65 22.38 59.17
C PHE F 74 -2.61 21.23 58.15
N TYR F 75 -1.82 20.22 58.43
CA TYR F 75 -1.75 19.13 57.48
C TYR F 75 -3.13 18.64 57.05
N ALA F 76 -4.04 18.54 58.01
CA ALA F 76 -5.40 18.08 57.71
C ALA F 76 -5.97 18.76 56.47
N GLU F 77 -5.99 20.10 56.47
CA GLU F 77 -6.55 20.87 55.34
C GLU F 77 -5.74 20.56 54.09
N LEU F 78 -4.42 20.67 54.24
CA LEU F 78 -3.48 20.41 53.16
C LEU F 78 -3.93 19.18 52.40
N ALA F 79 -4.35 18.17 53.16
CA ALA F 79 -4.81 16.92 52.60
C ALA F 79 -6.14 17.09 51.91
N ARG F 80 -7.12 17.61 52.65
CA ARG F 80 -8.43 17.78 52.07
C ARG F 80 -8.35 18.28 50.61
N GLY F 81 -7.39 19.14 50.32
CA GLY F 81 -7.26 19.68 48.97
C GLY F 81 -6.93 18.56 48.03
N ILE F 82 -5.81 17.92 48.29
CA ILE F 82 -5.38 16.79 47.48
C ILE F 82 -6.64 16.01 47.15
N GLU F 83 -7.29 15.58 48.23
CA GLU F 83 -8.49 14.80 48.20
C GLU F 83 -9.43 15.21 47.06
N ASP F 84 -10.01 16.39 47.22
CA ASP F 84 -11.00 16.88 46.29
C ASP F 84 -10.53 16.94 44.86
N ILE F 85 -9.28 17.31 44.65
CA ILE F 85 -8.81 17.37 43.28
C ILE F 85 -8.65 15.96 42.76
N ALA F 86 -8.28 15.06 43.66
CA ALA F 86 -8.08 13.65 43.33
C ALA F 86 -9.36 12.99 42.85
N SER F 87 -10.47 13.28 43.52
CA SER F 87 -11.73 12.69 43.09
C SER F 87 -12.29 13.54 41.93
N MET F 88 -11.72 14.73 41.71
CA MET F 88 -12.20 15.57 40.61
C MET F 88 -11.63 14.97 39.34
N TYR F 89 -10.39 14.56 39.41
CA TYR F 89 -9.72 13.95 38.28
C TYR F 89 -9.70 12.43 38.40
N LYS F 90 -10.70 11.90 39.11
CA LYS F 90 -10.84 10.47 39.32
C LYS F 90 -9.57 9.69 39.72
N TYR F 91 -9.27 9.67 41.02
CA TYR F 91 -8.12 8.96 41.57
C TYR F 91 -8.40 8.74 43.04
N ASN F 92 -8.21 7.53 43.55
CA ASN F 92 -8.45 7.31 44.97
C ASN F 92 -7.15 7.74 45.64
N ILE F 93 -7.21 7.99 46.95
CA ILE F 93 -6.01 8.39 47.68
C ILE F 93 -5.58 7.35 48.70
N ILE F 94 -4.30 7.00 48.68
CA ILE F 94 -3.79 6.02 49.63
C ILE F 94 -2.97 6.85 50.57
N LEU F 95 -3.57 7.28 51.68
CA LEU F 95 -2.88 8.14 52.64
C LEU F 95 -2.13 7.45 53.79
N SER F 96 -1.06 8.09 54.27
CA SER F 96 -0.27 7.56 55.38
C SER F 96 0.55 8.62 56.13
N ASN F 97 0.76 8.41 57.44
CA ASN F 97 1.52 9.32 58.31
C ASN F 97 2.99 8.95 58.50
N SER F 98 3.84 9.97 58.60
CA SER F 98 5.28 9.79 58.71
C SER F 98 5.86 10.33 59.98
N ASP F 99 5.14 11.26 60.59
CA ASP F 99 5.60 11.86 61.81
C ASP F 99 7.02 12.36 61.71
N GLN F 100 7.40 12.76 60.50
CA GLN F 100 8.70 13.35 60.29
C GLN F 100 9.95 12.48 60.38
N ASN F 101 9.85 11.21 60.77
CA ASN F 101 11.09 10.44 60.84
C ASN F 101 11.39 9.79 59.49
N GLN F 102 12.65 9.88 59.08
CA GLN F 102 13.08 9.38 57.80
C GLN F 102 12.87 7.91 57.43
N ASP F 103 13.44 6.99 58.20
CA ASP F 103 13.31 5.59 57.83
C ASP F 103 11.88 5.08 57.67
N LYS F 104 10.91 5.88 58.09
CA LYS F 104 9.53 5.46 57.94
C LYS F 104 9.07 5.96 56.58
N GLN F 105 9.40 7.22 56.31
CA GLN F 105 9.04 7.87 55.07
C GLN F 105 9.53 7.07 53.86
N LEU F 106 10.81 6.74 53.83
CA LEU F 106 11.32 5.98 52.69
C LEU F 106 10.68 4.62 52.68
N HIS F 107 10.18 4.19 53.84
CA HIS F 107 9.51 2.90 53.97
C HIS F 107 8.14 3.02 53.31
N LEU F 108 7.39 4.05 53.70
CA LEU F 108 6.07 4.31 53.14
C LEU F 108 6.17 4.45 51.64
N LEU F 109 7.25 5.03 51.19
CA LEU F 109 7.47 5.21 49.76
C LEU F 109 7.32 3.83 49.11
N ASN F 110 8.17 2.90 49.52
CA ASN F 110 8.07 1.56 48.94
C ASN F 110 6.72 0.90 49.14
N ASN F 111 6.26 0.80 50.39
CA ASN F 111 4.97 0.20 50.63
C ASN F 111 4.04 0.63 49.51
N MET F 112 3.98 1.93 49.24
CA MET F 112 3.10 2.48 48.20
C MET F 112 3.54 2.21 46.78
N LEU F 113 4.81 2.41 46.52
CA LEU F 113 5.31 2.14 45.19
C LEU F 113 5.01 0.69 44.85
N GLY F 114 4.91 -0.14 45.88
CA GLY F 114 4.62 -1.55 45.67
C GLY F 114 3.16 -1.77 45.32
N LYS F 115 2.30 -0.86 45.79
CA LYS F 115 0.86 -0.94 45.55
C LYS F 115 0.56 -0.39 44.15
N GLN F 116 1.59 -0.37 43.31
CA GLN F 116 1.50 0.10 41.93
C GLN F 116 0.72 1.40 41.72
N VAL F 117 1.07 2.42 42.49
CA VAL F 117 0.43 3.74 42.42
C VAL F 117 0.92 4.54 41.23
N ASP F 118 0.03 5.31 40.61
CA ASP F 118 0.38 6.11 39.44
C ASP F 118 1.02 7.46 39.78
N GLY F 119 0.80 7.93 41.01
CA GLY F 119 1.39 9.20 41.40
C GLY F 119 1.82 9.26 42.85
N ILE F 120 2.64 10.25 43.18
CA ILE F 120 3.12 10.42 44.53
C ILE F 120 3.29 11.88 44.94
N ILE F 121 2.67 12.24 46.07
CA ILE F 121 2.80 13.57 46.60
C ILE F 121 3.51 13.35 47.93
N PHE F 122 4.65 14.01 48.09
CA PHE F 122 5.44 13.88 49.31
C PHE F 122 5.48 15.19 50.04
N MET F 123 5.37 15.13 51.37
CA MET F 123 5.41 16.33 52.16
C MET F 123 5.89 16.08 53.58
N SER F 124 7.07 16.60 53.88
CA SER F 124 7.69 16.49 55.20
C SER F 124 8.58 17.72 55.28
N GLY F 125 8.74 18.28 56.47
CA GLY F 125 9.55 19.48 56.63
C GLY F 125 11.04 19.41 56.28
N ASN F 126 11.57 18.21 56.12
CA ASN F 126 12.98 18.07 55.80
C ASN F 126 13.24 16.95 54.82
N VAL F 127 13.26 17.30 53.53
CA VAL F 127 13.51 16.36 52.45
C VAL F 127 15.01 16.30 52.28
N THR F 128 15.64 15.30 52.89
CA THR F 128 17.10 15.14 52.83
C THR F 128 17.69 15.00 51.43
N GLU F 129 18.95 15.39 51.26
CA GLU F 129 19.61 15.27 49.97
C GLU F 129 19.43 13.82 49.54
N GLU F 130 19.29 12.95 50.54
CA GLU F 130 19.12 11.52 50.34
C GLU F 130 17.78 11.19 49.70
N HIS F 131 16.71 11.53 50.42
CA HIS F 131 15.33 11.29 50.01
C HIS F 131 15.05 11.72 48.58
N VAL F 132 15.90 12.59 48.04
CA VAL F 132 15.68 13.07 46.69
C VAL F 132 16.15 12.10 45.63
N GLU F 133 17.43 11.73 45.67
CA GLU F 133 17.94 10.78 44.70
C GLU F 133 17.13 9.51 44.87
N GLU F 134 16.59 9.32 46.07
CA GLU F 134 15.76 8.17 46.37
C GLU F 134 14.42 8.41 45.67
N LEU F 135 13.82 9.56 45.96
CA LEU F 135 12.54 9.96 45.36
C LEU F 135 12.66 10.06 43.84
N LYS F 136 13.86 10.34 43.37
CA LYS F 136 14.11 10.45 41.94
C LYS F 136 13.97 9.10 41.26
N LYS F 137 14.67 8.09 41.78
CA LYS F 137 14.62 6.74 41.20
C LYS F 137 13.20 6.29 40.91
N SER F 138 12.29 6.61 41.83
CA SER F 138 10.88 6.28 41.69
C SER F 138 10.40 6.18 40.23
N PRO F 139 9.62 5.14 39.92
CA PRO F 139 9.09 4.91 38.57
C PRO F 139 7.95 5.83 38.16
N VAL F 140 7.40 6.56 39.12
CA VAL F 140 6.29 7.47 38.84
C VAL F 140 6.49 8.90 39.32
N PRO F 141 5.65 9.81 38.85
CA PRO F 141 5.71 11.23 39.20
C PRO F 141 5.61 11.50 40.70
N VAL F 142 6.41 12.45 41.16
CA VAL F 142 6.39 12.83 42.55
C VAL F 142 6.40 14.35 42.59
N VAL F 143 5.57 14.92 43.43
CA VAL F 143 5.52 16.36 43.56
C VAL F 143 5.43 16.62 45.05
N LEU F 144 6.43 17.31 45.59
CA LEU F 144 6.43 17.63 47.02
C LEU F 144 5.32 18.62 47.21
N ALA F 145 4.86 18.81 48.44
CA ALA F 145 3.77 19.73 48.72
C ALA F 145 4.05 20.57 49.95
N ALA F 146 4.21 21.88 49.76
CA ALA F 146 4.46 22.74 50.91
C ALA F 146 5.72 22.31 51.63
N SER F 147 6.68 21.80 50.86
CA SER F 147 7.94 21.37 51.42
C SER F 147 9.00 21.70 50.39
N ILE F 148 10.20 21.98 50.87
CA ILE F 148 11.31 22.38 50.02
C ILE F 148 12.50 21.42 49.96
N GLU F 149 13.25 21.51 48.88
CA GLU F 149 14.48 20.74 48.70
C GLU F 149 15.32 21.57 47.74
N SER F 150 16.47 21.98 48.23
CA SER F 150 17.40 22.84 47.49
C SER F 150 17.59 22.63 45.99
N THR F 151 18.18 21.51 45.58
CA THR F 151 18.45 21.30 44.16
C THR F 151 17.32 21.55 43.12
N ASN F 152 16.08 21.71 43.56
CA ASN F 152 14.96 21.97 42.64
C ASN F 152 14.71 20.91 41.57
N GLN F 153 15.25 19.72 41.74
CA GLN F 153 15.03 18.67 40.75
C GLN F 153 13.69 18.01 41.07
N ILE F 154 13.20 18.21 42.28
CA ILE F 154 11.91 17.64 42.64
C ILE F 154 10.84 18.74 42.61
N PRO F 155 9.75 18.52 41.83
CA PRO F 155 8.61 19.41 41.65
C PRO F 155 7.93 19.73 42.97
N SER F 156 7.69 21.02 43.24
CA SER F 156 7.09 21.41 44.50
C SER F 156 6.30 22.72 44.53
N VAL F 157 4.98 22.61 44.57
CA VAL F 157 4.15 23.80 44.66
C VAL F 157 4.28 24.21 46.12
N THR F 158 4.91 25.35 46.36
CA THR F 158 5.14 25.86 47.71
C THR F 158 4.64 27.29 47.85
N ILE F 159 5.25 28.05 48.75
CA ILE F 159 4.90 29.44 49.01
C ILE F 159 6.27 29.99 49.37
N ASP F 160 6.38 31.30 49.54
CA ASP F 160 7.67 31.87 49.91
C ASP F 160 7.76 32.17 51.40
N TYR F 161 8.87 31.77 52.02
CA TYR F 161 9.06 31.98 53.45
C TYR F 161 10.01 33.13 53.77
N GLU F 162 11.06 33.29 52.96
CA GLU F 162 11.99 34.39 53.17
C GLU F 162 11.27 35.71 52.98
N GLN F 163 10.18 35.68 52.25
CA GLN F 163 9.41 36.88 52.02
C GLN F 163 8.25 36.95 52.98
N ALA F 164 7.46 35.89 53.05
CA ALA F 164 6.32 35.84 53.96
C ALA F 164 6.76 36.24 55.36
N ALA F 165 7.92 35.73 55.78
CA ALA F 165 8.46 36.03 57.10
C ALA F 165 9.01 37.45 57.16
N PHE F 166 9.74 37.84 56.11
CA PHE F 166 10.28 39.18 56.03
C PHE F 166 9.13 40.18 56.10
N ASP F 167 8.08 39.91 55.34
CA ASP F 167 6.89 40.76 55.27
C ASP F 167 6.15 40.86 56.60
N ALA F 168 6.21 39.76 57.35
CA ALA F 168 5.57 39.68 58.67
C ALA F 168 6.24 40.62 59.66
N VAL F 169 7.57 40.63 59.63
CA VAL F 169 8.34 41.47 60.51
C VAL F 169 8.24 42.94 60.16
N GLN F 170 8.33 43.28 58.88
CA GLN F 170 8.18 44.68 58.47
C GLN F 170 6.89 45.19 59.11
N SER F 171 5.79 44.53 58.81
CA SER F 171 4.51 44.87 59.41
C SER F 171 4.78 45.48 60.79
N LEU F 172 5.65 44.82 61.56
CA LEU F 172 5.99 45.28 62.90
C LEU F 172 6.97 46.47 62.96
N ILE F 173 8.21 46.26 62.52
CA ILE F 173 9.20 47.31 62.57
C ILE F 173 8.68 48.59 61.93
N ASP F 174 7.86 48.46 60.88
CA ASP F 174 7.32 49.65 60.25
C ASP F 174 6.25 50.30 61.12
N SER F 175 5.83 49.61 62.17
CA SER F 175 4.82 50.21 63.03
C SER F 175 5.38 50.68 64.37
N GLY F 176 6.71 50.71 64.48
CA GLY F 176 7.34 51.20 65.70
C GLY F 176 7.90 50.17 66.67
N HIS F 177 8.77 49.30 66.19
CA HIS F 177 9.35 48.29 67.07
C HIS F 177 10.85 48.16 66.98
N LYS F 178 11.54 48.58 68.04
CA LYS F 178 12.99 48.51 68.09
C LYS F 178 13.36 47.16 68.70
N ASN F 179 12.39 46.52 69.35
CA ASN F 179 12.61 45.24 70.00
C ASN F 179 11.52 44.18 69.72
N ILE F 180 11.86 43.17 68.93
CA ILE F 180 10.92 42.09 68.59
C ILE F 180 11.62 40.74 68.40
N ALA F 181 11.18 39.73 69.14
CA ALA F 181 11.77 38.40 69.05
C ALA F 181 11.18 37.52 67.95
N PHE F 182 11.52 36.24 68.00
CA PHE F 182 11.05 35.29 67.01
C PHE F 182 10.89 33.91 67.65
N VAL F 183 9.67 33.41 67.70
CA VAL F 183 9.39 32.10 68.26
C VAL F 183 9.27 31.16 67.07
N SER F 184 10.17 30.17 67.02
CA SER F 184 10.20 29.20 65.92
C SER F 184 9.88 27.75 66.28
N GLY F 185 9.69 26.94 65.24
CA GLY F 185 9.43 25.52 65.44
C GLY F 185 10.78 24.83 65.54
N THR F 186 10.83 23.52 65.32
CA THR F 186 12.09 22.81 65.38
C THR F 186 13.16 23.45 64.49
N LEU F 187 14.10 24.12 65.10
CA LEU F 187 15.16 24.80 64.36
C LEU F 187 15.73 23.96 63.19
N GLU F 188 15.68 22.63 63.29
CA GLU F 188 16.26 21.79 62.24
C GLU F 188 15.60 21.74 60.87
N GLU F 189 14.27 21.83 60.83
CA GLU F 189 13.56 21.78 59.55
C GLU F 189 13.89 23.02 58.73
N PRO F 190 14.49 22.82 57.54
CA PRO F 190 14.89 23.89 56.60
C PRO F 190 13.89 25.05 56.45
N ILE F 191 12.60 24.72 56.36
CA ILE F 191 11.62 25.79 56.26
C ILE F 191 11.91 26.82 57.37
N ASN F 192 12.22 26.38 58.59
CA ASN F 192 12.49 27.35 59.65
C ASN F 192 13.88 27.98 59.57
N HIS F 193 14.94 27.22 59.85
CA HIS F 193 16.25 27.83 59.80
C HIS F 193 16.62 28.42 58.43
N ALA F 194 16.25 27.74 57.35
CA ALA F 194 16.62 28.24 56.04
C ALA F 194 15.77 29.36 55.48
N LYS F 195 14.51 29.47 55.88
CA LYS F 195 13.67 30.54 55.32
C LYS F 195 13.14 31.51 56.35
N LYS F 196 12.21 31.04 57.18
CA LYS F 196 11.62 31.89 58.18
C LYS F 196 12.62 32.80 58.91
N VAL F 197 13.77 32.28 59.33
CA VAL F 197 14.77 33.13 60.01
C VAL F 197 15.50 34.07 59.07
N LYS F 198 15.80 33.59 57.86
CA LYS F 198 16.48 34.45 56.90
C LYS F 198 15.64 35.68 56.77
N GLY F 199 14.33 35.47 56.71
CA GLY F 199 13.40 36.57 56.57
C GLY F 199 13.36 37.45 57.80
N TYR F 200 13.05 36.86 58.94
CA TYR F 200 12.99 37.58 60.19
C TYR F 200 14.15 38.56 60.37
N LYS F 201 15.37 38.02 60.37
CA LYS F 201 16.55 38.84 60.53
C LYS F 201 16.73 39.83 59.40
N ARG F 202 16.52 39.37 58.16
CA ARG F 202 16.68 40.24 57.00
C ARG F 202 16.01 41.60 57.22
N ALA F 203 14.69 41.60 57.43
CA ALA F 203 13.92 42.82 57.65
C ALA F 203 14.49 43.58 58.82
N LEU F 204 15.13 42.83 59.71
CA LEU F 204 15.76 43.40 60.89
C LEU F 204 16.97 44.21 60.44
N THR F 205 17.94 43.51 59.83
CA THR F 205 19.16 44.15 59.37
C THR F 205 18.84 45.23 58.32
N GLU F 206 17.95 44.94 57.37
CA GLU F 206 17.61 45.93 56.34
C GLU F 206 17.10 47.20 56.99
N SER F 207 16.52 47.08 58.19
CA SER F 207 16.02 48.24 58.91
C SER F 207 17.01 48.59 60.00
N GLY F 208 18.25 48.12 59.81
CA GLY F 208 19.29 48.39 60.77
C GLY F 208 18.83 48.18 62.21
N LEU F 209 18.54 46.93 62.55
CA LEU F 209 18.12 46.60 63.89
C LEU F 209 19.01 45.47 64.43
N PRO F 210 19.07 45.31 65.76
CA PRO F 210 19.91 44.26 66.35
C PRO F 210 19.56 42.84 65.87
N VAL F 211 20.43 41.89 66.19
CA VAL F 211 20.20 40.50 65.81
C VAL F 211 20.78 39.57 66.89
N ARG F 212 20.18 39.52 68.09
CA ARG F 212 20.70 38.67 69.17
C ARG F 212 19.99 37.31 69.22
N ASP F 213 20.80 36.25 69.20
CA ASP F 213 20.31 34.88 69.23
C ASP F 213 19.51 34.60 70.50
N SER F 214 19.33 35.62 71.34
CA SER F 214 18.56 35.47 72.57
C SER F 214 17.15 36.05 72.35
N TYR F 215 16.82 36.22 71.07
CA TYR F 215 15.51 36.74 70.66
C TYR F 215 14.89 35.73 69.69
N ILE F 216 15.50 34.56 69.63
CA ILE F 216 15.03 33.46 68.81
C ILE F 216 14.96 32.23 69.69
N VAL F 217 13.77 31.89 70.18
CA VAL F 217 13.62 30.72 71.03
C VAL F 217 12.80 29.71 70.25
N GLU F 218 13.15 28.43 70.33
CA GLU F 218 12.41 27.44 69.57
C GLU F 218 11.36 26.63 70.32
N GLY F 219 10.18 26.49 69.69
CA GLY F 219 9.12 25.71 70.25
C GLY F 219 9.18 24.38 69.54
N ASP F 220 8.11 23.60 69.61
CA ASP F 220 8.09 22.31 68.95
C ASP F 220 6.71 22.17 68.33
N TYR F 221 6.12 23.33 68.01
CA TYR F 221 4.82 23.40 67.38
C TYR F 221 3.63 23.20 68.29
N THR F 222 3.86 22.85 69.55
CA THR F 222 2.71 22.62 70.45
C THR F 222 2.28 23.88 71.16
N TYR F 223 0.99 23.95 71.46
CA TYR F 223 0.44 25.09 72.17
C TYR F 223 1.30 25.31 73.38
N ASP F 224 1.43 24.26 74.18
CA ASP F 224 2.20 24.36 75.41
C ASP F 224 3.63 24.85 75.20
N SER F 225 4.23 24.57 74.06
CA SER F 225 5.60 25.03 73.80
C SER F 225 5.54 26.53 73.57
N GLY F 226 4.31 27.02 73.45
CA GLY F 226 4.08 28.43 73.23
C GLY F 226 4.27 29.23 74.49
N ILE F 227 3.58 28.84 75.56
CA ILE F 227 3.72 29.56 76.82
C ILE F 227 5.20 29.55 77.19
N GLU F 228 5.80 28.37 77.14
CA GLU F 228 7.20 28.24 77.47
C GLU F 228 8.05 29.37 76.86
N ALA F 229 7.99 29.51 75.54
CA ALA F 229 8.76 30.50 74.78
C ALA F 229 8.59 31.97 75.18
N VAL F 230 7.37 32.35 75.55
CA VAL F 230 7.08 33.73 75.96
C VAL F 230 7.77 34.09 77.27
N GLU F 231 7.42 33.34 78.30
CA GLU F 231 7.91 33.57 79.64
C GLU F 231 9.38 33.90 79.62
N LYS F 232 10.17 33.08 78.93
CA LYS F 232 11.60 33.28 78.82
C LYS F 232 11.93 34.66 78.22
N LEU F 233 11.23 35.00 77.15
CA LEU F 233 11.46 36.29 76.49
C LEU F 233 10.92 37.46 77.31
N LEU F 234 10.01 37.17 78.24
CA LEU F 234 9.39 38.22 79.05
C LEU F 234 10.17 38.71 80.26
N GLU F 235 11.44 38.36 80.35
CA GLU F 235 12.20 38.82 81.50
C GLU F 235 13.63 39.20 81.13
N GLU F 236 13.98 39.01 79.86
CA GLU F 236 15.31 39.35 79.39
C GLU F 236 15.60 40.83 79.51
N ASP F 237 16.83 41.22 79.15
CA ASP F 237 17.23 42.62 79.18
C ASP F 237 16.49 43.35 78.08
N GLU F 238 15.56 44.21 78.50
CA GLU F 238 14.70 44.97 77.59
C GLU F 238 13.55 44.08 77.12
N LYS F 239 12.36 44.33 77.66
CA LYS F 239 11.17 43.57 77.30
C LYS F 239 10.89 43.72 75.81
N PRO F 240 10.80 42.59 75.09
CA PRO F 240 10.52 42.65 73.67
C PRO F 240 9.13 43.28 73.52
N THR F 241 8.92 44.09 72.50
CA THR F 241 7.63 44.77 72.32
C THR F 241 6.65 44.09 71.34
N ALA F 242 7.15 43.12 70.56
CA ALA F 242 6.31 42.38 69.60
C ALA F 242 6.97 41.06 69.13
N ILE F 243 6.14 40.05 68.82
CA ILE F 243 6.65 38.73 68.38
C ILE F 243 6.00 38.11 67.14
N PHE F 244 6.81 37.38 66.40
CA PHE F 244 6.40 36.68 65.17
C PHE F 244 6.52 35.19 65.43
N VAL F 245 5.42 34.58 65.87
CA VAL F 245 5.39 33.17 66.15
C VAL F 245 5.15 32.42 64.85
N GLY F 246 6.00 31.42 64.61
CA GLY F 246 5.92 30.64 63.39
C GLY F 246 4.74 29.71 63.19
N THR F 247 3.79 29.68 64.12
CA THR F 247 2.62 28.81 63.98
C THR F 247 1.55 29.07 65.02
N ASP F 248 0.36 29.50 64.56
CA ASP F 248 -0.76 29.80 65.44
C ASP F 248 -0.84 28.91 66.68
N GLU F 249 -0.57 27.61 66.51
CA GLU F 249 -0.61 26.65 67.63
C GLU F 249 0.34 27.16 68.70
N MET F 250 1.54 27.53 68.27
CA MET F 250 2.56 28.09 69.16
C MET F 250 2.24 29.54 69.45
N ALA F 251 1.53 30.19 68.54
CA ALA F 251 1.19 31.58 68.72
C ALA F 251 0.13 31.73 69.82
N LEU F 252 -1.01 31.06 69.67
CA LEU F 252 -2.05 31.16 70.67
C LEU F 252 -1.37 30.82 72.00
N GLY F 253 -0.33 30.00 71.91
CA GLY F 253 0.40 29.59 73.10
C GLY F 253 1.36 30.64 73.60
N VAL F 254 1.42 31.79 72.92
CA VAL F 254 2.29 32.88 73.32
C VAL F 254 1.37 33.91 73.90
N ILE F 255 0.34 34.21 73.13
CA ILE F 255 -0.69 35.15 73.53
C ILE F 255 -1.13 34.79 74.93
N HIS F 256 -1.76 33.63 75.11
CA HIS F 256 -2.18 33.20 76.45
C HIS F 256 -1.00 33.24 77.41
N GLY F 257 0.13 32.72 76.96
CA GLY F 257 1.34 32.70 77.77
C GLY F 257 1.60 33.97 78.54
N ALA F 258 1.25 35.12 77.97
CA ALA F 258 1.47 36.39 78.66
C ALA F 258 0.17 36.95 79.19
N GLN F 259 -0.90 36.74 78.45
CA GLN F 259 -2.22 37.23 78.82
C GLN F 259 -2.46 37.00 80.29
N ASP F 260 -2.02 35.85 80.79
CA ASP F 260 -2.19 35.53 82.21
C ASP F 260 -1.21 36.33 83.04
N ARG F 261 0.02 36.40 82.59
CA ARG F 261 1.07 37.15 83.28
C ARG F 261 0.76 38.63 83.49
N GLY F 262 -0.44 39.04 83.13
CA GLY F 262 -0.84 40.41 83.32
C GLY F 262 -0.69 41.38 82.16
N LEU F 263 0.14 41.05 81.18
CA LEU F 263 0.35 41.95 80.04
C LEU F 263 -0.87 42.04 79.15
N ASN F 264 -1.14 43.23 78.63
CA ASN F 264 -2.28 43.41 77.73
C ASN F 264 -1.85 43.41 76.27
N VAL F 265 -2.56 42.62 75.47
CA VAL F 265 -2.28 42.57 74.06
C VAL F 265 -3.36 43.41 73.37
N PRO F 266 -2.98 44.32 72.48
CA PRO F 266 -1.64 44.65 71.97
C PRO F 266 -0.96 45.84 72.66
N ASN F 267 -1.69 46.53 73.50
CA ASN F 267 -1.09 47.69 74.15
C ASN F 267 0.29 47.37 74.78
N ASP F 268 0.46 46.16 75.28
CA ASP F 268 1.75 45.80 75.88
C ASP F 268 2.74 45.14 74.90
N LEU F 269 2.33 44.06 74.24
CA LEU F 269 3.16 43.36 73.26
C LEU F 269 2.27 42.88 72.12
N GLU F 270 2.77 43.01 70.90
CA GLU F 270 2.02 42.64 69.71
C GLU F 270 2.49 41.29 69.17
N ILE F 271 1.53 40.52 68.65
CA ILE F 271 1.82 39.19 68.13
C ILE F 271 1.19 38.88 66.78
N ILE F 272 2.02 38.37 65.89
CA ILE F 272 1.64 37.98 64.54
C ILE F 272 2.22 36.58 64.32
N GLY F 273 1.39 35.68 63.80
CA GLY F 273 1.82 34.30 63.59
C GLY F 273 1.95 33.86 62.15
N PHE F 274 1.96 32.55 61.92
CA PHE F 274 2.14 31.99 60.58
C PHE F 274 1.19 30.80 60.35
N ASP F 275 0.77 30.61 59.10
CA ASP F 275 -0.16 29.54 58.70
C ASP F 275 -1.62 30.03 58.53
N ASN F 276 -2.12 30.80 59.51
CA ASN F 276 -3.49 31.34 59.47
C ASN F 276 -4.56 30.26 59.49
N THR F 277 -4.73 29.61 60.62
CA THR F 277 -5.80 28.62 60.67
C THR F 277 -7.05 29.22 61.33
N ARG F 278 -7.92 28.32 61.76
CA ARG F 278 -9.16 28.71 62.43
C ARG F 278 -8.83 29.06 63.88
N LEU F 279 -7.67 28.62 64.33
CA LEU F 279 -7.23 28.91 65.68
C LEU F 279 -7.21 30.42 65.82
N SER F 280 -6.88 31.12 64.74
CA SER F 280 -6.83 32.56 64.75
C SER F 280 -8.20 33.15 65.05
N THR F 281 -9.20 32.66 64.33
CA THR F 281 -10.56 33.16 64.48
C THR F 281 -11.27 32.72 65.75
N MET F 282 -10.56 32.07 66.67
CA MET F 282 -11.23 31.63 67.88
C MET F 282 -10.63 32.13 69.19
N VAL F 283 -9.36 32.52 69.17
CA VAL F 283 -8.76 33.03 70.38
C VAL F 283 -9.18 34.48 70.55
N ARG F 284 -8.91 35.03 71.74
CA ARG F 284 -9.22 36.41 72.06
C ARG F 284 -7.98 36.90 72.78
N PRO F 285 -7.31 37.91 72.22
CA PRO F 285 -7.63 38.64 70.99
C PRO F 285 -7.40 37.82 69.73
N GLN F 286 -8.20 38.06 68.71
CA GLN F 286 -8.05 37.32 67.45
C GLN F 286 -6.68 37.49 66.86
N LEU F 287 -5.88 36.44 66.98
CA LEU F 287 -4.52 36.42 66.45
C LEU F 287 -4.44 36.78 64.97
N THR F 288 -3.52 37.66 64.64
CA THR F 288 -3.31 38.08 63.26
C THR F 288 -2.17 37.21 62.74
N SER F 289 -2.25 36.74 61.52
CA SER F 289 -1.14 35.94 61.07
C SER F 289 -1.03 35.82 59.57
N VAL F 290 0.21 35.66 59.12
CA VAL F 290 0.50 35.51 57.72
C VAL F 290 -0.33 34.34 57.23
N VAL F 291 -0.73 34.39 55.97
CA VAL F 291 -1.54 33.33 55.40
C VAL F 291 -0.76 32.38 54.50
N GLN F 292 -0.91 31.08 54.77
CA GLN F 292 -0.32 30.01 53.97
C GLN F 292 -1.51 29.23 53.48
N PRO F 293 -1.80 29.31 52.18
CA PRO F 293 -2.92 28.63 51.55
C PRO F 293 -2.88 27.10 51.61
N MET F 294 -3.11 26.57 52.81
CA MET F 294 -3.10 25.13 53.07
C MET F 294 -3.79 24.34 51.96
N TYR F 295 -5.11 24.43 51.94
CA TYR F 295 -5.93 23.75 50.95
C TYR F 295 -5.38 23.96 49.54
N ASP F 296 -5.32 25.21 49.09
CA ASP F 296 -4.81 25.49 47.75
C ASP F 296 -3.46 24.79 47.46
N ILE F 297 -2.51 24.84 48.42
CA ILE F 297 -1.21 24.21 48.24
C ILE F 297 -1.35 22.72 47.92
N GLY F 298 -2.39 22.11 48.46
CA GLY F 298 -2.63 20.70 48.23
C GLY F 298 -3.34 20.41 46.92
N ALA F 299 -4.35 21.20 46.63
CA ALA F 299 -5.13 21.04 45.40
C ALA F 299 -4.20 21.20 44.18
N VAL F 300 -3.49 22.32 44.11
CA VAL F 300 -2.56 22.62 43.03
C VAL F 300 -1.63 21.43 42.92
N ALA F 301 -0.84 21.25 43.98
CA ALA F 301 0.09 20.14 44.07
C ALA F 301 -0.48 18.89 43.40
N MET F 302 -1.68 18.47 43.78
CA MET F 302 -2.31 17.29 43.18
C MET F 302 -2.43 17.47 41.67
N ARG F 303 -3.18 18.48 41.25
CA ARG F 303 -3.39 18.77 39.83
C ARG F 303 -2.07 18.72 39.07
N LEU F 304 -1.03 19.35 39.63
CA LEU F 304 0.27 19.37 38.98
C LEU F 304 0.64 17.95 38.61
N LEU F 305 0.31 17.04 39.51
CA LEU F 305 0.58 15.62 39.32
C LEU F 305 -0.25 15.07 38.17
N THR F 306 -1.54 15.35 38.20
CA THR F 306 -2.43 14.86 37.16
C THR F 306 -1.81 15.19 35.81
N LYS F 307 -1.38 16.44 35.63
CA LYS F 307 -0.76 16.85 34.36
C LYS F 307 0.52 16.07 34.04
N TYR F 308 1.13 15.44 35.04
CA TYR F 308 2.36 14.68 34.79
C TYR F 308 2.09 13.23 34.44
N MET F 309 1.05 12.69 35.00
CA MET F 309 0.71 11.31 34.74
C MET F 309 0.09 11.19 33.34
N ASN F 310 -0.74 12.17 32.99
CA ASN F 310 -1.40 12.22 31.68
C ASN F 310 -0.46 12.86 30.64
N LYS F 311 0.77 13.08 31.07
CA LYS F 311 1.85 13.68 30.28
C LYS F 311 1.51 14.96 29.52
N GLU F 312 0.94 15.93 30.23
CA GLU F 312 0.58 17.22 29.64
C GLU F 312 1.78 18.17 29.68
N THR F 313 1.56 19.44 29.41
CA THR F 313 2.69 20.37 29.40
C THR F 313 2.88 21.11 30.71
N VAL F 314 4.04 20.92 31.32
CA VAL F 314 4.33 21.63 32.55
C VAL F 314 5.23 22.79 32.14
N ASP F 315 4.96 23.94 32.73
CA ASP F 315 5.73 25.13 32.39
C ASP F 315 6.70 25.47 33.49
N SER F 316 6.47 24.89 34.67
CA SER F 316 7.32 25.15 35.81
C SER F 316 7.19 24.04 36.85
N SER F 317 8.32 23.51 37.31
CA SER F 317 8.26 22.46 38.30
C SER F 317 8.42 23.07 39.68
N ILE F 318 8.52 24.40 39.74
CA ILE F 318 8.53 25.10 41.02
C ILE F 318 7.41 26.11 41.02
N VAL F 319 6.34 25.79 41.72
CA VAL F 319 5.19 26.67 41.80
C VAL F 319 5.20 27.36 43.13
N GLU F 320 4.70 28.57 43.15
CA GLU F 320 4.63 29.33 44.37
C GLU F 320 3.27 29.98 44.41
N LEU F 321 2.56 29.74 45.49
CA LEU F 321 1.26 30.33 45.66
C LEU F 321 1.52 31.61 46.41
N PRO F 322 0.71 32.64 46.16
CA PRO F 322 0.99 33.86 46.90
C PRO F 322 0.57 33.74 48.35
N HIS F 323 1.30 34.44 49.20
CA HIS F 323 0.98 34.48 50.62
C HIS F 323 0.44 35.88 50.91
N ARG F 324 -0.09 36.06 52.11
CA ARG F 324 -0.70 37.33 52.51
C ARG F 324 -0.57 37.43 54.03
N ILE F 325 -1.33 38.35 54.64
CA ILE F 325 -1.31 38.53 56.09
C ILE F 325 -2.62 39.05 56.65
N GLU F 326 -3.65 38.22 56.78
CA GLU F 326 -4.91 38.72 57.34
C GLU F 326 -4.57 39.46 58.64
N PHE F 327 -4.77 40.77 58.65
CA PHE F 327 -4.49 41.51 59.87
C PHE F 327 -5.73 41.39 60.73
N ARG F 328 -5.55 41.23 62.04
CA ARG F 328 -6.69 41.12 62.92
C ARG F 328 -6.60 42.02 64.18
N GLN F 329 -7.52 41.72 65.08
CA GLN F 329 -7.72 42.42 66.31
C GLN F 329 -6.57 42.17 67.25
N SER F 330 -5.71 41.20 66.91
CA SER F 330 -4.57 40.85 67.75
C SER F 330 -3.63 42.01 68.02
N THR F 331 -3.27 42.72 66.97
CA THR F 331 -2.34 43.83 67.09
C THR F 331 -2.84 45.18 66.54
N LYS F 332 -2.16 46.25 66.95
CA LYS F 332 -2.48 47.62 66.55
C LYS F 332 -2.34 47.91 65.05
N MET G 1 -18.08 38.16 23.01
CA MET G 1 -17.58 37.82 24.38
C MET G 1 -18.25 38.71 25.40
N VAL G 2 -19.14 38.16 26.20
CA VAL G 2 -19.78 38.99 27.20
C VAL G 2 -18.85 39.11 28.41
N GLN G 3 -17.83 39.95 28.24
CA GLN G 3 -16.86 40.24 29.27
C GLN G 3 -17.65 40.78 30.47
N GLN G 4 -16.94 41.30 31.47
CA GLN G 4 -17.55 41.89 32.64
C GLN G 4 -16.46 42.17 33.66
N LYS G 5 -16.76 43.08 34.57
CA LYS G 5 -15.84 43.49 35.61
C LYS G 5 -16.67 43.30 36.88
N VAL G 6 -16.18 42.53 37.86
CA VAL G 6 -16.98 42.36 39.06
C VAL G 6 -16.30 42.17 40.41
N GLU G 7 -17.15 42.09 41.42
CA GLU G 7 -16.78 41.92 42.82
C GLU G 7 -16.46 40.47 43.07
N VAL G 8 -16.02 40.18 44.28
CA VAL G 8 -15.70 38.82 44.67
C VAL G 8 -16.02 38.74 46.17
N ARG G 9 -17.16 39.32 46.51
CA ARG G 9 -17.70 39.42 47.85
C ARG G 9 -17.54 38.22 48.79
N LEU G 10 -17.26 37.04 48.27
CA LEU G 10 -17.09 35.86 49.12
C LEU G 10 -16.18 36.17 50.31
N LYS G 11 -16.66 35.92 51.53
CA LYS G 11 -15.82 36.20 52.70
C LYS G 11 -14.58 35.30 52.78
N THR G 12 -14.57 34.26 51.96
CA THR G 12 -13.46 33.30 51.88
C THR G 12 -12.63 33.62 50.62
N GLY G 13 -13.00 34.71 49.96
CA GLY G 13 -12.30 35.09 48.75
C GLY G 13 -12.37 33.90 47.81
N LEU G 14 -11.70 33.99 46.68
CA LEU G 14 -11.70 32.87 45.76
C LEU G 14 -10.48 31.98 46.00
N GLN G 15 -10.40 31.43 47.20
CA GLN G 15 -9.33 30.50 47.57
C GLN G 15 -10.14 29.42 48.25
N ALA G 16 -9.48 28.55 49.01
CA ALA G 16 -10.21 27.52 49.72
C ALA G 16 -10.97 26.61 48.78
N ARG G 17 -12.00 25.98 49.32
CA ARG G 17 -12.81 25.07 48.53
C ARG G 17 -13.72 25.75 47.50
N PRO G 18 -14.13 27.02 47.76
CA PRO G 18 -14.99 27.72 46.80
C PRO G 18 -14.24 27.97 45.49
N ALA G 19 -12.96 28.28 45.58
CA ALA G 19 -12.15 28.50 44.38
C ALA G 19 -12.23 27.23 43.60
N ALA G 20 -11.95 26.11 44.26
CA ALA G 20 -12.02 24.82 43.61
C ALA G 20 -13.42 24.68 43.02
N LEU G 21 -14.42 24.86 43.87
CA LEU G 21 -15.80 24.75 43.44
C LEU G 21 -16.08 25.65 42.24
N PHE G 22 -15.49 26.84 42.26
CA PHE G 22 -15.67 27.81 41.19
C PHE G 22 -15.21 27.18 39.88
N VAL G 23 -13.96 26.74 39.85
CA VAL G 23 -13.38 26.12 38.67
C VAL G 23 -14.23 24.96 38.20
N GLN G 24 -14.89 24.28 39.13
CA GLN G 24 -15.73 23.16 38.73
C GLN G 24 -16.96 23.74 38.00
N GLU G 25 -17.67 24.66 38.68
CA GLU G 25 -18.86 25.32 38.12
C GLU G 25 -18.63 25.87 36.73
N ALA G 26 -17.40 26.32 36.46
CA ALA G 26 -17.02 26.89 35.18
C ALA G 26 -16.94 25.89 34.03
N ASN G 27 -16.53 24.66 34.33
CA ASN G 27 -16.41 23.65 33.28
C ASN G 27 -17.74 23.17 32.71
N ARG G 28 -18.85 23.71 33.23
CA ARG G 28 -20.16 23.30 32.77
C ARG G 28 -20.55 24.09 31.55
N PHE G 29 -19.65 24.97 31.15
CA PHE G 29 -19.90 25.82 30.01
C PHE G 29 -19.00 25.46 28.85
N THR G 30 -19.52 25.56 27.63
CA THR G 30 -18.74 25.23 26.46
C THR G 30 -17.83 26.41 26.16
N SER G 31 -18.28 27.60 26.57
CA SER G 31 -17.57 28.85 26.36
C SER G 31 -16.30 28.94 27.20
N ASP G 32 -15.21 29.36 26.59
CA ASP G 32 -13.96 29.51 27.33
C ASP G 32 -14.16 30.63 28.33
N ILE G 33 -13.75 30.39 29.56
CA ILE G 33 -13.91 31.42 30.57
C ILE G 33 -12.57 31.84 31.11
N PHE G 34 -12.35 33.14 31.21
CA PHE G 34 -11.12 33.69 31.73
C PHE G 34 -11.47 34.59 32.91
N LEU G 35 -10.81 34.38 34.04
CA LEU G 35 -11.05 35.21 35.19
C LEU G 35 -9.79 36.04 35.17
N GLU G 36 -9.90 37.31 35.54
CA GLU G 36 -8.75 38.19 35.49
C GLU G 36 -8.57 39.12 36.67
N LYS G 37 -7.32 39.26 37.07
CA LYS G 37 -6.94 40.13 38.16
C LYS G 37 -5.78 40.94 37.60
N ASP G 38 -6.09 42.17 37.22
CA ASP G 38 -5.13 43.14 36.69
C ASP G 38 -3.76 42.58 36.39
N GLY G 39 -3.38 42.62 35.13
CA GLY G 39 -2.08 42.11 34.72
C GLY G 39 -2.24 40.69 34.21
N LYS G 40 -2.35 39.75 35.14
CA LYS G 40 -2.52 38.37 34.75
C LYS G 40 -3.98 38.12 34.44
N LYS G 41 -4.26 36.97 33.82
CA LYS G 41 -5.59 36.59 33.44
C LYS G 41 -5.40 35.17 32.93
N VAL G 42 -5.97 34.19 33.64
CA VAL G 42 -5.83 32.78 33.26
C VAL G 42 -7.14 32.03 33.14
N ASN G 43 -7.04 30.80 32.61
CA ASN G 43 -8.15 29.90 32.39
C ASN G 43 -9.04 29.67 33.61
N ALA G 44 -10.22 30.27 33.61
CA ALA G 44 -11.14 30.15 34.74
C ALA G 44 -11.56 28.72 34.98
N LYS G 45 -11.33 27.86 34.00
CA LYS G 45 -11.69 26.47 34.10
C LYS G 45 -10.47 25.60 34.41
N SEP G 46 -9.65 26.03 35.36
CA SEP G 46 -8.49 25.23 35.72
CB SEP G 46 -7.37 25.38 34.68
OG SEP G 46 -6.10 25.51 35.29
C SEP G 46 -7.98 25.63 37.10
O SEP G 46 -7.73 26.79 37.36
P SEP G 46 -4.99 24.35 35.24
O1P SEP G 46 -5.15 23.70 33.91
O2P SEP G 46 -3.62 24.93 35.15
O3P SEP G 46 -5.07 23.61 36.52
N ILE G 47 -7.85 24.61 37.95
CA ILE G 47 -7.39 24.82 39.31
C ILE G 47 -6.06 25.55 39.44
N MET G 48 -5.01 25.03 38.81
CA MET G 48 -3.70 25.69 38.93
C MET G 48 -3.80 27.19 38.67
N GLY G 49 -4.21 27.54 37.45
CA GLY G 49 -4.34 28.94 37.08
C GLY G 49 -5.12 29.74 38.09
N LEU G 50 -6.41 29.48 38.17
CA LEU G 50 -7.30 30.21 39.07
C LEU G 50 -6.73 30.36 40.47
N MET G 51 -6.32 29.25 41.06
CA MET G 51 -5.76 29.28 42.40
C MET G 51 -4.47 30.08 42.49
N SER G 52 -3.73 30.15 41.38
CA SER G 52 -2.47 30.88 41.36
C SER G 52 -2.67 32.37 41.45
N LEU G 53 -3.74 32.86 40.88
CA LEU G 53 -4.01 34.28 40.95
C LEU G 53 -4.15 34.63 42.43
N ALA G 54 -4.89 33.79 43.15
CA ALA G 54 -5.09 33.97 44.59
C ALA G 54 -5.86 35.23 44.98
N ILE G 55 -7.05 35.37 44.41
CA ILE G 55 -7.93 36.49 44.69
C ILE G 55 -8.33 36.43 46.15
N SER G 56 -8.63 37.59 46.75
CA SER G 56 -9.03 37.63 48.15
C SER G 56 -10.38 38.32 48.25
N THR G 57 -11.01 38.24 49.41
CA THR G 57 -12.33 38.86 49.60
C THR G 57 -12.35 40.38 49.36
N GLY G 58 -13.16 40.80 48.40
CA GLY G 58 -13.27 42.21 48.08
C GLY G 58 -12.57 42.59 46.78
N THR G 59 -11.58 41.79 46.39
CA THR G 59 -10.83 42.07 45.17
C THR G 59 -11.71 42.41 43.96
N GLU G 60 -11.14 43.20 43.07
CA GLU G 60 -11.80 43.65 41.86
C GLU G 60 -11.36 42.74 40.73
N ILE G 61 -12.16 41.71 40.46
CA ILE G 61 -11.81 40.76 39.41
C ILE G 61 -12.58 41.00 38.11
N THR G 62 -12.18 40.29 37.06
CA THR G 62 -12.82 40.42 35.77
C THR G 62 -13.05 39.02 35.22
N LEU G 63 -14.17 38.80 34.54
CA LEU G 63 -14.51 37.50 33.94
C LEU G 63 -14.49 37.67 32.41
N ILE G 64 -14.42 36.57 31.68
CA ILE G 64 -14.42 36.62 30.21
C ILE G 64 -15.07 35.37 29.68
N ALA G 65 -15.97 35.52 28.70
CA ALA G 65 -16.66 34.38 28.14
C ALA G 65 -16.96 34.51 26.64
N GLN G 66 -16.61 33.50 25.86
CA GLN G 66 -16.87 33.51 24.42
C GLN G 66 -17.26 32.13 23.90
N GLY G 67 -18.56 31.87 23.86
CA GLY G 67 -19.06 30.59 23.39
C GLY G 67 -20.57 30.60 23.34
N GLU G 68 -21.17 29.56 22.77
CA GLU G 68 -22.63 29.50 22.67
C GLU G 68 -23.24 30.17 23.90
N ASP G 69 -23.14 29.50 25.05
CA ASP G 69 -23.73 29.97 26.30
C ASP G 69 -22.84 30.91 27.11
N GLU G 70 -22.09 31.76 26.43
CA GLU G 70 -21.20 32.67 27.14
C GLU G 70 -21.94 33.58 28.11
N GLN G 71 -23.20 33.90 27.80
CA GLN G 71 -23.98 34.76 28.69
C GLN G 71 -24.34 34.00 29.97
N GLU G 72 -25.00 32.85 29.79
CA GLU G 72 -25.40 32.02 30.91
C GLU G 72 -24.22 31.93 31.85
N ALA G 73 -23.11 31.45 31.28
CA ALA G 73 -21.86 31.30 32.00
C ALA G 73 -21.64 32.50 32.90
N LEU G 74 -21.50 33.66 32.26
CA LEU G 74 -21.27 34.91 32.98
C LEU G 74 -22.31 35.16 34.04
N GLU G 75 -23.58 34.96 33.71
CA GLU G 75 -24.64 35.19 34.67
C GLU G 75 -24.41 34.37 35.94
N LYS G 76 -24.09 33.10 35.75
CA LYS G 76 -23.86 32.24 36.88
C LYS G 76 -22.60 32.69 37.61
N LEU G 77 -21.46 32.40 37.01
CA LEU G 77 -20.15 32.74 37.57
C LEU G 77 -20.22 34.02 38.38
N ALA G 78 -20.66 35.08 37.72
CA ALA G 78 -20.77 36.37 38.38
C ALA G 78 -21.56 36.29 39.67
N ALA G 79 -22.78 35.75 39.61
CA ALA G 79 -23.64 35.67 40.79
C ALA G 79 -23.01 34.90 41.93
N TYR G 80 -22.19 33.91 41.57
CA TYR G 80 -21.50 33.07 42.53
C TYR G 80 -20.32 33.79 43.17
N VAL G 81 -19.55 34.51 42.36
CA VAL G 81 -18.39 35.25 42.85
C VAL G 81 -18.87 36.42 43.70
N GLN G 82 -19.97 37.01 43.29
CA GLN G 82 -20.57 38.14 43.99
C GLN G 82 -21.06 37.77 45.39
N GLU G 83 -20.88 36.51 45.76
CA GLU G 83 -21.31 36.02 47.07
C GLU G 83 -22.82 36.13 47.21
N GLU G 84 -23.47 36.61 46.14
CA GLU G 84 -24.92 36.73 46.14
C GLU G 84 -25.48 35.46 45.49
N MET H 1 53.63 -33.08 -36.73
CA MET H 1 52.34 -33.07 -35.97
C MET H 1 51.56 -34.35 -36.23
N ASN H 2 51.56 -34.80 -37.49
CA ASN H 2 50.84 -36.01 -37.86
C ASN H 2 51.45 -37.27 -37.21
N VAL H 3 51.23 -37.39 -35.91
CA VAL H 3 51.73 -38.51 -35.12
C VAL H 3 50.76 -39.68 -35.22
N THR H 4 50.56 -40.19 -36.43
CA THR H 4 49.62 -41.29 -36.58
C THR H 4 50.01 -42.37 -35.57
N ILE H 5 49.01 -42.91 -34.87
CA ILE H 5 49.24 -43.97 -33.91
C ILE H 5 49.88 -45.09 -34.74
N TYR H 6 49.91 -44.86 -36.04
CA TYR H 6 50.50 -45.76 -37.01
C TYR H 6 52.02 -45.59 -37.00
N ASP H 7 52.49 -44.36 -36.73
CA ASP H 7 53.92 -44.08 -36.68
C ASP H 7 54.54 -44.89 -35.54
N VAL H 8 53.77 -45.08 -34.46
CA VAL H 8 54.25 -45.85 -33.32
C VAL H 8 54.17 -47.36 -33.59
N ALA H 9 53.24 -47.78 -34.45
CA ALA H 9 53.10 -49.20 -34.80
C ALA H 9 54.31 -49.63 -35.64
N ARG H 10 54.91 -48.64 -36.32
CA ARG H 10 56.10 -48.85 -37.14
C ARG H 10 57.34 -48.90 -36.26
N GLU H 11 57.64 -47.76 -35.64
CA GLU H 11 58.81 -47.59 -34.76
C GLU H 11 58.82 -48.41 -33.47
N ALA H 12 57.72 -49.09 -33.15
CA ALA H 12 57.70 -49.92 -31.96
C ALA H 12 57.62 -51.39 -32.39
N SER H 13 57.41 -51.61 -33.69
CA SER H 13 57.31 -52.93 -34.29
C SER H 13 56.17 -53.73 -33.67
N VAL H 14 55.23 -53.02 -33.06
CA VAL H 14 54.07 -53.64 -32.41
C VAL H 14 52.84 -53.41 -33.27
N SER H 15 51.68 -53.87 -32.80
CA SER H 15 50.43 -53.68 -33.54
C SER H 15 49.73 -52.41 -33.11
N MET H 16 48.87 -51.89 -33.98
CA MET H 16 48.12 -50.68 -33.67
C MET H 16 47.25 -50.99 -32.47
N ALA H 17 46.43 -52.03 -32.60
CA ALA H 17 45.52 -52.48 -31.55
C ALA H 17 46.24 -52.55 -30.21
N THR H 18 47.42 -53.16 -30.22
CA THR H 18 48.23 -53.32 -29.02
C THR H 18 48.45 -51.96 -28.36
N VAL H 19 48.83 -50.97 -29.18
CA VAL H 19 49.08 -49.62 -28.69
C VAL H 19 47.84 -48.95 -28.10
N SER H 20 46.67 -49.28 -28.63
CA SER H 20 45.42 -48.72 -28.13
C SER H 20 45.26 -49.02 -26.64
N ARG H 21 46.20 -49.80 -26.12
CA ARG H 21 46.18 -50.18 -24.72
C ARG H 21 47.46 -49.79 -24.00
N VAL H 22 48.29 -48.97 -24.65
CA VAL H 22 49.53 -48.52 -24.03
C VAL H 22 49.30 -47.24 -23.21
N VAL H 23 48.49 -46.33 -23.72
CA VAL H 23 48.19 -45.10 -22.99
C VAL H 23 46.94 -45.42 -22.21
N ASN H 24 46.23 -46.45 -22.67
CA ASN H 24 45.02 -46.92 -22.01
C ASN H 24 45.48 -47.80 -20.84
N GLY H 25 46.06 -48.95 -21.16
CA GLY H 25 46.54 -49.85 -20.14
C GLY H 25 45.85 -51.21 -20.19
N ASN H 26 46.17 -51.99 -21.21
CA ASN H 26 45.56 -53.30 -21.37
C ASN H 26 45.63 -54.22 -20.17
N PRO H 27 46.36 -53.81 -19.14
CA PRO H 27 46.48 -54.62 -17.95
C PRO H 27 47.34 -55.83 -18.25
N ASN H 28 47.26 -56.29 -19.50
CA ASN H 28 48.04 -57.43 -19.92
C ASN H 28 49.15 -56.96 -20.84
N VAL H 29 50.16 -56.31 -20.27
CA VAL H 29 51.28 -55.80 -21.05
C VAL H 29 52.62 -56.07 -20.38
N LYS H 30 53.48 -56.82 -21.07
CA LYS H 30 54.79 -57.11 -20.54
C LYS H 30 55.61 -55.81 -20.61
N PRO H 31 56.22 -55.39 -19.49
CA PRO H 31 57.01 -54.17 -19.48
C PRO H 31 57.92 -54.07 -20.70
N SER H 32 58.36 -55.22 -21.19
CA SER H 32 59.22 -55.29 -22.37
C SER H 32 58.59 -54.51 -23.52
N THR H 33 57.50 -55.04 -24.04
CA THR H 33 56.79 -54.39 -25.14
C THR H 33 56.35 -52.98 -24.76
N ARG H 34 55.91 -52.80 -23.51
CA ARG H 34 55.40 -51.51 -23.01
C ARG H 34 56.34 -50.32 -23.15
N LYS H 35 57.46 -50.34 -22.45
CA LYS H 35 58.41 -49.24 -22.51
C LYS H 35 58.93 -49.01 -23.94
N LYS H 36 58.99 -50.09 -24.72
CA LYS H 36 59.40 -50.05 -26.12
C LYS H 36 58.44 -49.10 -26.84
N VAL H 37 57.26 -48.95 -26.24
CA VAL H 37 56.21 -48.10 -26.77
C VAL H 37 56.21 -46.71 -26.12
N LEU H 38 56.53 -46.62 -24.82
CA LEU H 38 56.56 -45.32 -24.14
C LEU H 38 57.73 -44.46 -24.62
N GLU H 39 58.69 -45.09 -25.27
CA GLU H 39 59.86 -44.40 -25.79
C GLU H 39 59.45 -43.65 -27.06
N THR H 40 59.04 -44.39 -28.10
CA THR H 40 58.63 -43.78 -29.36
C THR H 40 57.65 -42.63 -29.11
N ILE H 41 56.85 -42.75 -28.04
CA ILE H 41 55.85 -41.75 -27.63
C ILE H 41 56.50 -40.45 -27.17
N GLU H 42 57.58 -40.60 -26.41
CA GLU H 42 58.33 -39.46 -25.92
C GLU H 42 59.28 -38.98 -27.01
N TYR H 46 54.25 -38.07 -29.81
CA TYR H 46 52.89 -38.54 -30.07
C TYR H 46 51.89 -38.08 -28.99
N ARG H 47 50.81 -37.43 -29.42
CA ARG H 47 49.74 -36.98 -28.52
C ARG H 47 48.45 -37.56 -29.10
N PRO H 48 47.70 -38.30 -28.28
CA PRO H 48 46.46 -38.92 -28.73
C PRO H 48 45.51 -37.92 -29.39
N ASN H 49 44.81 -38.36 -30.42
CA ASN H 49 43.85 -37.49 -31.10
C ASN H 49 42.52 -37.61 -30.35
N ALA H 50 42.35 -36.77 -29.34
CA ALA H 50 41.15 -36.78 -28.53
C ALA H 50 39.86 -36.95 -29.31
N VAL H 51 39.92 -36.63 -30.59
CA VAL H 51 38.74 -36.73 -31.42
C VAL H 51 38.65 -38.09 -32.09
N ALA H 52 39.74 -38.49 -32.74
CA ALA H 52 39.76 -39.78 -33.38
C ALA H 52 39.25 -40.80 -32.35
N ARG H 53 39.82 -40.73 -31.14
CA ARG H 53 39.47 -41.61 -30.01
C ARG H 53 38.01 -41.54 -29.64
N GLY H 54 37.60 -40.36 -29.20
CA GLY H 54 36.23 -40.13 -28.80
C GLY H 54 35.21 -40.79 -29.71
N LEU H 55 35.45 -40.73 -31.00
CA LEU H 55 34.53 -41.32 -31.99
C LEU H 55 34.61 -42.82 -31.96
N ALA H 56 35.78 -43.33 -31.58
CA ALA H 56 36.04 -44.76 -31.47
C ALA H 56 35.49 -45.34 -30.17
N SER H 57 35.71 -44.67 -29.04
CA SER H 57 35.24 -45.18 -27.75
C SER H 57 33.84 -44.71 -27.36
N LYS H 58 33.45 -43.54 -27.86
CA LYS H 58 32.17 -42.92 -27.57
C LYS H 58 32.27 -42.07 -26.32
N LYS H 59 33.50 -41.80 -25.90
CA LYS H 59 33.79 -41.01 -24.71
C LYS H 59 34.74 -39.86 -25.06
N THR H 60 34.29 -38.63 -24.80
CA THR H 60 35.08 -37.44 -25.14
C THR H 60 35.81 -36.74 -23.97
N THR H 61 35.55 -37.18 -22.73
CA THR H 61 36.17 -36.60 -21.55
C THR H 61 36.00 -35.10 -21.59
N THR H 62 34.74 -34.70 -21.73
CA THR H 62 34.33 -33.31 -21.81
C THR H 62 32.87 -33.17 -21.33
N VAL H 63 32.61 -32.23 -20.42
CA VAL H 63 31.26 -32.02 -19.94
C VAL H 63 30.83 -30.61 -20.35
N GLY H 64 29.55 -30.39 -20.60
CA GLY H 64 29.09 -29.07 -20.97
C GLY H 64 28.27 -28.42 -19.88
N VAL H 65 28.69 -27.25 -19.38
CA VAL H 65 27.92 -26.58 -18.34
C VAL H 65 27.13 -25.46 -18.94
N ILE H 66 25.86 -25.34 -18.58
CA ILE H 66 25.00 -24.27 -19.10
C ILE H 66 24.77 -23.25 -17.98
N ILE H 67 25.66 -22.28 -17.84
CA ILE H 67 25.55 -21.26 -16.81
C ILE H 67 24.65 -20.15 -17.40
N PRO H 68 24.01 -19.33 -16.55
CA PRO H 68 23.16 -18.27 -17.12
C PRO H 68 23.99 -17.12 -17.68
N ASP H 69 24.87 -16.57 -16.85
CA ASP H 69 25.72 -15.47 -17.29
C ASP H 69 27.02 -15.42 -16.50
N ILE H 70 28.11 -15.69 -17.20
CA ILE H 70 29.43 -15.74 -16.59
C ILE H 70 29.93 -14.37 -16.14
N SER H 71 29.14 -13.34 -16.42
CA SER H 71 29.51 -11.97 -16.04
C SER H 71 29.12 -11.59 -14.65
N ASN H 72 28.43 -12.48 -13.96
CA ASN H 72 27.99 -12.26 -12.60
C ASN H 72 28.88 -13.05 -11.63
N ILE H 73 29.46 -12.36 -10.66
CA ILE H 73 30.35 -13.01 -9.70
C ILE H 73 29.72 -14.23 -9.02
N PHE H 74 28.40 -14.21 -8.92
CA PHE H 74 27.64 -15.31 -8.34
C PHE H 74 27.86 -16.46 -9.29
N TYR H 75 27.50 -16.26 -10.55
CA TYR H 75 27.68 -17.32 -11.53
C TYR H 75 29.11 -17.56 -11.94
N ALA H 76 30.04 -16.74 -11.48
CA ALA H 76 31.44 -16.93 -11.86
C ALA H 76 32.17 -17.87 -10.91
N GLU H 77 31.92 -17.69 -9.61
CA GLU H 77 32.52 -18.51 -8.54
C GLU H 77 32.07 -19.95 -8.78
N LEU H 78 30.79 -20.08 -9.13
CA LEU H 78 30.22 -21.38 -9.42
C LEU H 78 31.04 -22.04 -10.53
N ALA H 79 31.07 -21.42 -11.70
CA ALA H 79 31.86 -22.01 -12.77
C ALA H 79 33.31 -22.26 -12.29
N ARG H 80 33.88 -21.31 -11.54
CA ARG H 80 35.25 -21.52 -11.10
C ARG H 80 35.33 -22.91 -10.49
N GLY H 81 34.30 -23.25 -9.73
CA GLY H 81 34.23 -24.55 -9.08
C GLY H 81 34.19 -25.66 -10.12
N ILE H 82 33.05 -25.77 -10.79
CA ILE H 82 32.88 -26.79 -11.82
C ILE H 82 34.21 -26.93 -12.57
N GLU H 83 34.87 -25.80 -12.82
CA GLU H 83 36.13 -25.79 -13.53
C GLU H 83 37.20 -26.57 -12.78
N ASP H 84 37.55 -26.11 -11.59
CA ASP H 84 38.58 -26.76 -10.80
C ASP H 84 38.46 -28.26 -10.71
N ILE H 85 37.30 -28.74 -10.30
CA ILE H 85 37.09 -30.18 -10.18
C ILE H 85 37.24 -30.86 -11.53
N ALA H 86 36.43 -30.48 -12.52
CA ALA H 86 36.55 -31.10 -13.84
C ALA H 86 38.03 -31.30 -14.21
N SER H 87 38.84 -30.28 -14.00
CA SER H 87 40.25 -30.37 -14.34
C SER H 87 40.93 -31.41 -13.45
N MET H 88 40.41 -31.57 -12.24
CA MET H 88 40.95 -32.54 -11.28
C MET H 88 40.73 -33.98 -11.71
N TYR H 89 39.59 -34.24 -12.34
CA TYR H 89 39.26 -35.57 -12.83
C TYR H 89 39.51 -35.66 -14.33
N LYS H 90 40.35 -34.75 -14.82
CA LYS H 90 40.74 -34.70 -16.21
C LYS H 90 39.65 -34.61 -17.27
N TYR H 91 38.61 -33.85 -16.97
CA TYR H 91 37.54 -33.60 -17.92
C TYR H 91 37.70 -32.17 -18.44
N ASN H 92 37.27 -31.92 -19.66
CA ASN H 92 37.35 -30.58 -20.21
C ASN H 92 35.99 -29.91 -20.09
N ILE H 93 35.96 -28.59 -20.21
CA ILE H 93 34.69 -27.91 -20.07
C ILE H 93 34.25 -27.01 -21.24
N ILE H 94 32.99 -27.16 -21.63
CA ILE H 94 32.39 -26.39 -22.71
C ILE H 94 31.46 -25.42 -21.98
N LEU H 95 31.92 -24.19 -21.82
CA LEU H 95 31.11 -23.20 -21.12
C LEU H 95 30.20 -22.51 -22.12
N SER H 96 29.01 -22.15 -21.65
CA SER H 96 28.03 -21.50 -22.50
C SER H 96 27.01 -20.69 -21.65
N ASN H 97 26.57 -19.52 -22.12
CA ASN H 97 25.60 -18.72 -21.36
C ASN H 97 24.23 -18.81 -22.01
N SER H 98 23.19 -18.68 -21.20
CA SER H 98 21.82 -18.76 -21.67
C SER H 98 21.09 -17.47 -21.36
N ASP H 99 21.75 -16.60 -20.62
CA ASP H 99 21.15 -15.33 -20.23
C ASP H 99 19.73 -15.57 -19.73
N GLN H 100 19.54 -16.72 -19.09
CA GLN H 100 18.24 -17.09 -18.55
C GLN H 100 17.22 -17.10 -19.68
N ASN H 101 17.52 -17.77 -20.78
CA ASN H 101 16.58 -17.76 -21.90
C ASN H 101 15.86 -19.10 -22.16
N GLN H 102 14.58 -19.12 -21.81
CA GLN H 102 13.78 -20.32 -21.95
C GLN H 102 14.14 -21.22 -23.11
N ASP H 103 14.33 -20.71 -24.32
CA ASP H 103 14.69 -21.65 -25.36
C ASP H 103 16.08 -21.53 -25.96
N LYS H 104 16.93 -20.66 -25.40
CA LYS H 104 18.30 -20.56 -25.87
C LYS H 104 19.01 -21.68 -25.12
N GLN H 105 18.43 -22.03 -23.96
CA GLN H 105 18.94 -23.07 -23.08
C GLN H 105 18.71 -24.40 -23.76
N LEU H 106 17.57 -24.51 -24.46
CA LEU H 106 17.26 -25.75 -25.16
C LEU H 106 18.27 -25.88 -26.29
N HIS H 107 18.51 -24.81 -27.03
CA HIS H 107 19.50 -24.87 -28.12
C HIS H 107 20.81 -25.29 -27.52
N LEU H 108 21.28 -24.54 -26.52
CA LEU H 108 22.56 -24.85 -25.88
C LEU H 108 22.63 -26.32 -25.50
N LEU H 109 21.52 -26.84 -24.99
CA LEU H 109 21.43 -28.25 -24.59
C LEU H 109 21.73 -29.24 -25.73
N ASN H 110 20.90 -29.20 -26.77
CA ASN H 110 21.09 -30.06 -27.94
C ASN H 110 22.47 -29.86 -28.55
N ASN H 111 22.97 -28.63 -28.49
CA ASN H 111 24.28 -28.33 -29.03
C ASN H 111 25.27 -29.22 -28.29
N MET H 112 25.26 -29.08 -26.98
CA MET H 112 26.13 -29.86 -26.13
C MET H 112 26.07 -31.33 -26.53
N LEU H 113 24.89 -31.92 -26.40
CA LEU H 113 24.68 -33.32 -26.75
C LEU H 113 25.30 -33.71 -28.08
N GLY H 114 25.00 -32.94 -29.11
CA GLY H 114 25.54 -33.27 -30.41
C GLY H 114 27.05 -33.18 -30.39
N LYS H 115 27.58 -32.44 -29.42
CA LYS H 115 29.02 -32.24 -29.31
C LYS H 115 29.63 -33.44 -28.61
N GLN H 116 28.78 -34.39 -28.24
CA GLN H 116 29.16 -35.64 -27.59
C GLN H 116 29.78 -35.51 -26.19
N VAL H 117 29.24 -34.57 -25.41
CA VAL H 117 29.70 -34.32 -24.05
C VAL H 117 29.28 -35.52 -23.20
N ASP H 118 30.15 -35.92 -22.30
CA ASP H 118 29.90 -37.06 -21.43
C ASP H 118 28.94 -36.79 -20.29
N GLY H 119 28.76 -35.52 -19.94
CA GLY H 119 27.85 -35.16 -18.86
C GLY H 119 27.44 -33.71 -19.00
N ILE H 120 26.48 -33.27 -18.19
CA ILE H 120 26.01 -31.90 -18.27
C ILE H 120 25.63 -31.24 -16.95
N ILE H 121 26.33 -30.16 -16.58
CA ILE H 121 26.02 -29.38 -15.38
C ILE H 121 25.22 -28.17 -15.85
N PHE H 122 23.96 -28.07 -15.41
CA PHE H 122 23.09 -27.00 -15.88
C PHE H 122 22.36 -26.24 -14.77
N MET H 123 22.41 -24.91 -14.81
CA MET H 123 21.77 -24.04 -13.83
C MET H 123 20.93 -22.93 -14.44
N SER H 124 19.69 -22.80 -13.97
CA SER H 124 18.82 -21.76 -14.49
C SER H 124 17.86 -21.29 -13.40
N GLY H 125 17.68 -19.98 -13.31
CA GLY H 125 16.80 -19.42 -12.31
C GLY H 125 15.41 -20.00 -12.44
N ASN H 126 15.16 -20.74 -13.49
CA ASN H 126 13.84 -21.34 -13.65
C ASN H 126 13.83 -22.62 -14.50
N VAL H 127 13.97 -23.75 -13.81
CA VAL H 127 13.98 -25.04 -14.46
C VAL H 127 12.55 -25.50 -14.70
N THR H 128 12.07 -25.28 -15.91
CA THR H 128 10.70 -25.65 -16.30
C THR H 128 10.51 -27.16 -16.36
N GLU H 129 9.26 -27.61 -16.49
CA GLU H 129 9.01 -29.03 -16.60
C GLU H 129 9.53 -29.44 -17.97
N GLU H 130 9.11 -28.70 -19.00
CA GLU H 130 9.55 -29.00 -20.35
C GLU H 130 11.04 -29.24 -20.28
N HIS H 131 11.75 -28.37 -19.56
CA HIS H 131 13.17 -28.52 -19.41
C HIS H 131 13.47 -29.89 -18.80
N VAL H 132 12.98 -30.12 -17.59
CA VAL H 132 13.22 -31.40 -16.93
C VAL H 132 12.96 -32.57 -17.84
N GLU H 133 11.76 -32.65 -18.41
CA GLU H 133 11.42 -33.77 -19.28
C GLU H 133 12.47 -33.86 -20.38
N GLU H 134 13.16 -32.75 -20.63
CA GLU H 134 14.19 -32.74 -21.67
C GLU H 134 15.53 -33.22 -21.18
N LEU H 135 15.89 -32.87 -19.94
CA LEU H 135 17.17 -33.28 -19.32
C LEU H 135 17.26 -34.79 -19.03
N LYS H 136 16.17 -35.39 -18.58
CA LYS H 136 16.22 -36.82 -18.30
C LYS H 136 16.59 -37.50 -19.59
N LYS H 137 15.71 -37.39 -20.57
CA LYS H 137 15.90 -38.02 -21.85
C LYS H 137 17.28 -38.01 -22.44
N SER H 138 18.12 -37.11 -21.96
CA SER H 138 19.50 -37.07 -22.45
C SER H 138 20.12 -38.47 -22.44
N PRO H 139 21.18 -38.66 -23.22
CA PRO H 139 21.82 -39.97 -23.24
C PRO H 139 23.03 -39.88 -22.32
N VAL H 140 23.08 -38.78 -21.55
CA VAL H 140 24.16 -38.57 -20.60
C VAL H 140 23.64 -38.21 -19.21
N PRO H 141 24.51 -38.28 -18.20
CA PRO H 141 24.03 -37.92 -16.88
C PRO H 141 23.96 -36.42 -16.75
N VAL H 142 22.89 -35.93 -16.14
CA VAL H 142 22.75 -34.50 -15.93
C VAL H 142 22.68 -34.20 -14.45
N VAL H 143 23.18 -33.03 -14.06
CA VAL H 143 23.16 -32.60 -12.67
C VAL H 143 22.98 -31.08 -12.60
N LEU H 144 22.03 -30.64 -11.78
CA LEU H 144 21.72 -29.23 -11.60
C LEU H 144 22.53 -28.60 -10.48
N ALA H 145 22.88 -27.33 -10.62
CA ALA H 145 23.65 -26.64 -9.58
C ALA H 145 22.99 -25.32 -9.23
N ALA H 146 22.96 -24.98 -7.94
CA ALA H 146 22.34 -23.73 -7.52
C ALA H 146 20.94 -23.54 -8.11
N SER H 147 20.22 -24.61 -8.42
CA SER H 147 18.91 -24.48 -9.04
C SER H 147 17.77 -25.19 -8.35
N ILE H 148 16.60 -24.58 -8.38
CA ILE H 148 15.43 -25.17 -7.76
C ILE H 148 14.83 -26.19 -8.70
N GLU H 149 14.08 -27.14 -8.15
CA GLU H 149 13.48 -28.21 -8.94
C GLU H 149 12.51 -29.00 -8.04
N SER H 150 11.24 -28.65 -8.10
CA SER H 150 10.19 -29.27 -7.30
C SER H 150 10.29 -30.78 -7.04
N THR H 151 10.25 -31.56 -8.11
CA THR H 151 10.23 -33.02 -8.05
C THR H 151 11.50 -33.82 -7.77
N ASN H 152 12.64 -33.16 -7.77
CA ASN H 152 13.87 -33.88 -7.53
C ASN H 152 13.87 -35.19 -8.30
N GLN H 153 13.84 -35.08 -9.61
CA GLN H 153 13.86 -36.24 -10.48
C GLN H 153 15.16 -36.14 -11.25
N ILE H 154 15.98 -35.20 -10.79
CA ILE H 154 17.27 -34.93 -11.38
C ILE H 154 18.22 -34.60 -10.26
N PRO H 155 19.45 -35.12 -10.32
CA PRO H 155 20.50 -34.89 -9.33
C PRO H 155 20.68 -33.39 -9.16
N SER H 156 21.10 -32.96 -7.98
CA SER H 156 21.26 -31.53 -7.74
C SER H 156 21.90 -31.10 -6.43
N VAL H 157 23.03 -30.40 -6.56
CA VAL H 157 23.72 -29.86 -5.40
C VAL H 157 22.97 -28.56 -5.14
N THR H 158 22.88 -28.13 -3.88
CA THR H 158 22.09 -26.94 -3.57
C THR H 158 22.25 -26.47 -2.10
N ILE H 159 21.42 -25.51 -1.70
CA ILE H 159 21.43 -24.96 -0.34
C ILE H 159 19.95 -24.80 0.04
N ASP H 160 19.63 -24.77 1.34
CA ASP H 160 18.23 -24.60 1.72
C ASP H 160 17.93 -23.11 1.83
N TYR H 161 17.46 -22.53 0.73
CA TYR H 161 17.18 -21.12 0.75
C TYR H 161 16.11 -20.72 1.74
N GLU H 162 15.12 -21.58 1.99
CA GLU H 162 14.11 -21.19 2.96
C GLU H 162 14.72 -21.01 4.34
N GLN H 163 15.51 -21.96 4.80
CA GLN H 163 16.12 -21.74 6.10
C GLN H 163 17.04 -20.55 5.94
N ALA H 164 17.91 -20.60 4.94
CA ALA H 164 18.82 -19.50 4.73
C ALA H 164 18.15 -18.14 4.99
N ALA H 165 16.91 -17.95 4.54
CA ALA H 165 16.23 -16.69 4.79
C ALA H 165 15.70 -16.63 6.22
N PHE H 166 15.04 -17.69 6.66
CA PHE H 166 14.50 -17.78 8.01
C PHE H 166 15.63 -17.45 9.00
N ASP H 167 16.65 -18.30 9.02
CA ASP H 167 17.81 -18.14 9.88
C ASP H 167 18.33 -16.70 9.94
N ALA H 168 18.02 -15.89 8.93
CA ALA H 168 18.49 -14.50 8.87
C ALA H 168 17.43 -13.55 9.44
N VAL H 169 16.20 -13.70 8.98
CA VAL H 169 15.11 -12.87 9.45
C VAL H 169 15.00 -13.08 10.96
N GLN H 170 14.91 -14.34 11.34
CA GLN H 170 14.80 -14.72 12.75
C GLN H 170 15.96 -14.18 13.55
N SER H 171 17.10 -13.98 12.90
CA SER H 171 18.27 -13.45 13.58
C SER H 171 17.90 -12.07 14.13
N LEU H 172 17.13 -11.31 13.35
CA LEU H 172 16.69 -9.97 13.71
C LEU H 172 15.67 -10.04 14.82
N ILE H 173 14.62 -10.80 14.55
CA ILE H 173 13.58 -11.00 15.52
C ILE H 173 14.15 -11.15 16.93
N ASP H 174 15.22 -11.93 17.05
CA ASP H 174 15.85 -12.15 18.33
C ASP H 174 16.54 -10.87 18.79
N SER H 175 16.71 -9.90 17.89
CA SER H 175 17.34 -8.62 18.23
C SER H 175 16.28 -7.55 18.47
N GLY H 176 15.07 -8.00 18.74
CA GLY H 176 14.02 -7.07 19.03
C GLY H 176 13.31 -6.60 17.78
N HIS H 177 14.05 -6.35 16.72
CA HIS H 177 13.46 -5.93 15.44
C HIS H 177 12.14 -6.63 15.04
N LYS H 178 11.03 -5.91 15.11
CA LYS H 178 9.71 -6.45 14.78
C LYS H 178 9.12 -5.93 13.48
N ASN H 179 9.81 -4.99 12.85
CA ASN H 179 9.36 -4.43 11.60
C ASN H 179 10.53 -4.51 10.64
N ILE H 180 10.72 -5.67 10.03
CA ILE H 180 11.81 -5.83 9.09
C ILE H 180 11.30 -6.12 7.70
N ALA H 181 11.67 -5.27 6.75
CA ALA H 181 11.23 -5.46 5.39
C ALA H 181 12.13 -6.41 4.62
N PHE H 182 11.64 -6.74 3.44
CA PHE H 182 12.35 -7.62 2.54
C PHE H 182 12.43 -6.88 1.21
N VAL H 183 13.59 -6.88 0.58
CA VAL H 183 13.74 -6.21 -0.70
C VAL H 183 14.29 -7.29 -1.63
N SER H 184 13.44 -7.83 -2.51
CA SER H 184 13.87 -8.91 -3.39
C SER H 184 14.13 -8.57 -4.84
N GLY H 185 14.55 -9.59 -5.59
CA GLY H 185 14.85 -9.44 -7.00
C GLY H 185 13.62 -9.77 -7.83
N THR H 186 13.81 -10.36 -9.00
CA THR H 186 12.69 -10.72 -9.86
C THR H 186 11.73 -11.53 -8.99
N LEU H 187 10.57 -10.97 -8.67
CA LEU H 187 9.64 -11.68 -7.82
C LEU H 187 8.89 -12.77 -8.57
N GLU H 188 9.65 -13.69 -9.16
CA GLU H 188 9.07 -14.80 -9.91
C GLU H 188 9.95 -16.03 -9.88
N GLU H 189 11.26 -15.83 -10.04
CA GLU H 189 12.21 -16.94 -10.01
C GLU H 189 11.96 -17.72 -8.72
N PRO H 190 11.75 -19.03 -8.81
CA PRO H 190 11.50 -19.82 -7.60
C PRO H 190 12.60 -19.59 -6.56
N ILE H 191 13.67 -18.93 -6.96
CA ILE H 191 14.77 -18.65 -6.06
C ILE H 191 14.37 -17.56 -5.08
N ASN H 192 13.17 -17.02 -5.25
CA ASN H 192 12.65 -15.98 -4.39
C ASN H 192 11.19 -16.30 -4.09
N HIS H 193 10.40 -16.31 -5.15
CA HIS H 193 8.97 -16.60 -5.07
C HIS H 193 8.65 -17.73 -4.11
N ALA H 194 9.06 -18.93 -4.46
CA ALA H 194 8.77 -20.11 -3.63
C ALA H 194 9.86 -20.49 -2.64
N LYS H 195 10.80 -19.59 -2.36
CA LYS H 195 11.87 -19.94 -1.43
C LYS H 195 12.26 -18.83 -0.45
N LYS H 196 13.07 -17.90 -0.93
CA LYS H 196 13.54 -16.79 -0.11
C LYS H 196 12.42 -15.99 0.56
N VAL H 197 11.24 -15.92 -0.07
CA VAL H 197 10.13 -15.18 0.52
C VAL H 197 9.39 -16.03 1.51
N LYS H 198 9.07 -17.25 1.11
CA LYS H 198 8.36 -18.17 1.97
C LYS H 198 9.07 -18.09 3.31
N GLY H 199 10.40 -17.98 3.24
CA GLY H 199 11.22 -17.88 4.44
C GLY H 199 10.90 -16.65 5.26
N TYR H 200 10.92 -15.47 4.62
CA TYR H 200 10.64 -14.23 5.31
C TYR H 200 9.31 -14.32 6.08
N LYS H 201 8.25 -14.70 5.37
CA LYS H 201 6.94 -14.82 5.99
C LYS H 201 6.89 -15.92 7.04
N ARG H 202 7.70 -16.96 6.91
CA ARG H 202 7.69 -18.05 7.91
C ARG H 202 8.23 -17.57 9.25
N ALA H 203 9.46 -17.06 9.28
CA ALA H 203 10.05 -16.55 10.50
C ALA H 203 9.18 -15.45 11.11
N LEU H 204 8.36 -14.80 10.30
CA LEU H 204 7.47 -13.75 10.80
C LEU H 204 6.29 -14.40 11.50
N THR H 205 5.38 -14.97 10.71
CA THR H 205 4.20 -15.62 11.26
C THR H 205 4.54 -16.59 12.38
N GLU H 206 5.63 -17.33 12.21
CA GLU H 206 6.05 -18.31 13.22
C GLU H 206 6.31 -17.65 14.57
N SER H 207 6.87 -16.45 14.53
CA SER H 207 7.17 -15.73 15.75
C SER H 207 6.04 -14.76 16.10
N GLY H 208 4.95 -14.79 15.33
CA GLY H 208 3.82 -13.92 15.61
C GLY H 208 3.84 -12.47 15.13
N LEU H 209 4.73 -12.13 14.21
CA LEU H 209 4.80 -10.77 13.68
C LEU H 209 3.96 -10.71 12.42
N PRO H 210 3.53 -9.52 12.01
CA PRO H 210 2.72 -9.34 10.81
C PRO H 210 3.36 -9.83 9.51
N VAL H 211 2.61 -9.69 8.41
CA VAL H 211 3.03 -10.09 7.08
C VAL H 211 2.28 -9.23 6.05
N ARG H 212 2.59 -7.95 6.02
CA ARG H 212 1.92 -7.03 5.11
C ARG H 212 2.74 -6.80 3.86
N ASP H 213 2.05 -6.56 2.76
CA ASP H 213 2.68 -6.33 1.47
C ASP H 213 3.28 -4.94 1.33
N SER H 214 4.04 -4.51 2.32
CA SER H 214 4.63 -3.18 2.25
C SER H 214 6.06 -3.25 2.75
N TYR H 215 6.51 -4.47 3.02
CA TYR H 215 7.87 -4.72 3.48
C TYR H 215 8.51 -5.55 2.41
N ILE H 216 7.62 -6.05 1.54
CA ILE H 216 8.03 -6.88 0.45
C ILE H 216 8.05 -6.14 -0.91
N VAL H 217 9.20 -5.56 -1.27
CA VAL H 217 9.32 -4.88 -2.54
C VAL H 217 10.36 -5.55 -3.43
N GLU H 218 10.04 -5.50 -4.72
CA GLU H 218 10.78 -6.08 -5.83
C GLU H 218 11.72 -5.03 -6.43
N GLY H 219 12.42 -5.42 -7.48
CA GLY H 219 13.38 -4.54 -8.11
C GLY H 219 14.44 -5.36 -8.78
N ASP H 220 15.14 -4.77 -9.71
CA ASP H 220 16.19 -5.48 -10.40
C ASP H 220 17.18 -6.00 -9.36
N TYR H 221 18.21 -6.72 -9.81
CA TYR H 221 19.23 -7.20 -8.89
C TYR H 221 20.33 -6.13 -8.91
N THR H 222 19.92 -4.94 -9.35
CA THR H 222 20.81 -3.81 -9.48
C THR H 222 21.08 -3.03 -8.20
N TYR H 223 22.31 -2.53 -8.10
CA TYR H 223 22.75 -1.74 -6.96
C TYR H 223 21.83 -0.54 -6.76
N ASP H 224 21.14 -0.16 -7.82
CA ASP H 224 20.23 0.97 -7.75
C ASP H 224 18.87 0.53 -7.28
N SER H 225 18.30 -0.47 -7.95
CA SER H 225 16.99 -1.02 -7.61
C SER H 225 16.90 -1.10 -6.10
N GLY H 226 18.04 -1.37 -5.50
CA GLY H 226 18.10 -1.44 -4.06
C GLY H 226 17.90 -0.04 -3.51
N ILE H 227 18.77 0.89 -3.90
CA ILE H 227 18.69 2.27 -3.42
C ILE H 227 17.27 2.83 -3.36
N GLU H 228 16.58 2.83 -4.49
CA GLU H 228 15.23 3.34 -4.52
C GLU H 228 14.40 2.55 -3.52
N ALA H 229 14.59 1.23 -3.54
CA ALA H 229 13.87 0.33 -2.64
C ALA H 229 14.15 0.70 -1.19
N VAL H 230 15.32 1.28 -0.94
CA VAL H 230 15.67 1.69 0.41
C VAL H 230 14.74 2.81 0.82
N GLU H 231 14.84 3.92 0.11
CA GLU H 231 14.03 5.09 0.39
C GLU H 231 12.55 4.89 0.09
N LYS H 232 12.24 4.05 -0.88
CA LYS H 232 10.84 3.80 -1.18
C LYS H 232 10.20 3.10 0.01
N LEU H 233 11.03 2.63 0.95
CA LEU H 233 10.54 1.96 2.14
C LEU H 233 10.63 2.83 3.38
N LEU H 234 11.82 3.40 3.59
CA LEU H 234 12.06 4.27 4.73
C LEU H 234 11.04 5.38 4.73
N GLU H 235 10.23 5.42 3.67
CA GLU H 235 9.22 6.45 3.53
C GLU H 235 7.84 5.83 3.32
N GLU H 236 7.18 5.51 4.43
CA GLU H 236 5.83 4.92 4.39
C GLU H 236 5.12 5.09 5.74
N ASP H 237 3.96 4.46 5.88
CA ASP H 237 3.15 4.52 7.10
C ASP H 237 4.02 4.73 8.34
N GLU H 238 4.74 3.69 8.72
CA GLU H 238 5.65 3.76 9.86
C GLU H 238 7.03 3.68 9.21
N LYS H 239 7.93 2.88 9.77
CA LYS H 239 9.26 2.72 9.21
C LYS H 239 9.95 1.48 9.76
N PRO H 240 10.27 0.52 8.88
CA PRO H 240 10.92 -0.73 9.24
C PRO H 240 12.21 -0.52 10.03
N THR H 241 12.30 -1.14 11.21
CA THR H 241 13.47 -0.99 12.08
C THR H 241 14.77 -1.53 11.48
N ALA H 242 14.65 -2.53 10.62
CA ALA H 242 15.82 -3.13 9.96
C ALA H 242 15.39 -3.82 8.67
N ILE H 243 16.29 -3.94 7.71
CA ILE H 243 15.92 -4.56 6.44
C ILE H 243 16.73 -5.77 5.97
N PHE H 244 16.05 -6.65 5.22
CA PHE H 244 16.62 -7.89 4.69
C PHE H 244 16.75 -7.84 3.15
N VAL H 245 17.98 -8.00 2.66
CA VAL H 245 18.26 -7.94 1.23
C VAL H 245 18.50 -9.29 0.57
N GLY H 246 17.83 -9.54 -0.55
CA GLY H 246 17.98 -10.80 -1.27
C GLY H 246 19.34 -11.00 -1.92
N THR H 247 20.07 -9.91 -2.13
CA THR H 247 21.40 -9.98 -2.73
C THR H 247 22.31 -9.03 -1.99
N ASP H 248 23.61 -9.30 -2.03
CA ASP H 248 24.62 -8.45 -1.40
C ASP H 248 24.69 -7.09 -2.11
N GLU H 249 25.04 -7.11 -3.39
CA GLU H 249 25.13 -5.88 -4.19
C GLU H 249 23.81 -5.11 -4.12
N MET H 250 22.71 -5.83 -4.03
CA MET H 250 21.41 -5.22 -3.94
C MET H 250 21.20 -4.71 -2.52
N ALA H 251 22.21 -4.84 -1.68
CA ALA H 251 22.11 -4.41 -0.30
C ALA H 251 22.98 -3.20 -0.06
N LEU H 252 24.15 -3.18 -0.69
CA LEU H 252 25.04 -2.04 -0.55
C LEU H 252 24.14 -0.87 -0.91
N GLY H 253 23.36 -1.06 -1.98
CA GLY H 253 22.45 -0.02 -2.41
C GLY H 253 21.26 0.14 -1.48
N VAL H 254 21.39 -0.36 -0.25
CA VAL H 254 20.33 -0.26 0.76
C VAL H 254 20.95 0.43 1.97
N ILE H 255 22.27 0.30 2.04
CA ILE H 255 23.08 0.92 3.08
C ILE H 255 23.38 2.31 2.52
N HIS H 256 23.92 2.33 1.30
CA HIS H 256 24.21 3.59 0.64
C HIS H 256 22.86 4.26 0.39
N GLY H 257 21.79 3.51 0.65
CA GLY H 257 20.45 4.03 0.49
C GLY H 257 20.09 4.75 1.77
N ALA H 258 20.21 4.04 2.90
CA ALA H 258 19.92 4.62 4.20
C ALA H 258 20.96 5.73 4.43
N GLN H 259 21.86 5.87 3.47
CA GLN H 259 22.90 6.88 3.48
C GLN H 259 22.23 8.23 3.16
N ASP H 260 21.68 8.32 1.97
CA ASP H 260 21.02 9.51 1.49
C ASP H 260 19.99 10.04 2.49
N ARG H 261 19.03 9.20 2.87
CA ARG H 261 18.01 9.62 3.83
C ARG H 261 18.67 9.96 5.16
N GLY H 262 19.99 10.15 5.10
CA GLY H 262 20.76 10.51 6.27
C GLY H 262 20.45 9.77 7.56
N LEU H 263 20.75 8.47 7.58
CA LEU H 263 20.54 7.64 8.77
C LEU H 263 21.81 6.81 8.97
N ASN H 264 22.06 6.38 10.20
CA ASN H 264 23.24 5.57 10.43
C ASN H 264 22.84 4.10 10.45
N VAL H 265 23.58 3.30 9.68
CA VAL H 265 23.31 1.88 9.52
C VAL H 265 23.18 1.00 10.78
N PRO H 266 24.31 0.67 11.41
CA PRO H 266 24.17 -0.18 12.61
C PRO H 266 23.02 0.20 13.53
N ASN H 267 22.88 1.49 13.78
CA ASN H 267 21.87 2.03 14.70
C ASN H 267 20.43 2.19 14.25
N ASP H 268 20.20 3.11 13.33
CA ASP H 268 18.85 3.32 12.87
C ASP H 268 18.24 1.99 12.43
N LEU H 269 18.73 1.45 11.31
CA LEU H 269 18.22 0.20 10.76
C LEU H 269 19.33 -0.80 10.49
N GLU H 270 19.16 -2.02 10.97
CA GLU H 270 20.15 -3.07 10.76
C GLU H 270 19.93 -3.68 9.37
N ILE H 271 20.98 -4.28 8.80
CA ILE H 271 20.85 -4.89 7.48
C ILE H 271 21.72 -6.12 7.35
N ILE H 272 21.06 -7.26 7.14
CA ILE H 272 21.75 -8.53 6.97
C ILE H 272 21.53 -8.94 5.52
N GLY H 273 22.59 -9.38 4.85
CA GLY H 273 22.52 -9.75 3.45
C GLY H 273 22.35 -11.22 3.09
N PHE H 274 22.61 -11.56 1.83
CA PHE H 274 22.48 -12.94 1.35
C PHE H 274 23.55 -13.20 0.29
N ASP H 275 24.09 -14.43 0.29
CA ASP H 275 25.15 -14.88 -0.63
C ASP H 275 26.55 -14.74 -0.04
N ASN H 276 26.80 -13.66 0.70
CA ASN H 276 28.11 -13.43 1.31
C ASN H 276 29.26 -13.35 0.29
N THR H 277 29.29 -12.29 -0.49
CA THR H 277 30.36 -12.15 -1.46
C THR H 277 31.37 -11.11 -0.98
N ARG H 278 32.38 -10.85 -1.80
CA ARG H 278 33.41 -9.89 -1.48
C ARG H 278 32.77 -8.53 -1.25
N LEU H 279 31.64 -8.31 -1.90
CA LEU H 279 30.91 -7.06 -1.76
C LEU H 279 30.28 -6.94 -0.38
N SER H 280 30.81 -7.66 0.60
CA SER H 280 30.29 -7.59 1.96
C SER H 280 31.46 -7.11 2.80
N THR H 281 32.66 -7.43 2.30
CA THR H 281 33.89 -7.07 2.96
C THR H 281 34.47 -5.85 2.26
N MET H 282 33.78 -5.40 1.21
CA MET H 282 34.24 -4.24 0.47
C MET H 282 33.33 -3.04 0.74
N VAL H 283 32.37 -3.19 1.64
CA VAL H 283 31.44 -2.10 1.96
C VAL H 283 31.72 -1.48 3.32
N ARG H 284 31.04 -0.37 3.58
CA ARG H 284 31.18 0.34 4.84
C ARG H 284 29.83 0.93 5.24
N PRO H 285 29.28 0.47 6.37
CA PRO H 285 29.85 -0.52 7.29
C PRO H 285 30.02 -1.93 6.67
N GLN H 286 30.48 -2.88 7.49
CA GLN H 286 30.70 -4.28 7.08
C GLN H 286 29.36 -4.99 6.90
N LEU H 287 29.13 -5.60 5.74
CA LEU H 287 27.86 -6.26 5.49
C LEU H 287 27.70 -7.68 6.00
N THR H 288 26.89 -7.84 7.04
CA THR H 288 26.64 -9.18 7.56
C THR H 288 25.88 -9.81 6.42
N SER H 289 25.96 -11.12 6.24
CA SER H 289 25.27 -11.70 5.09
C SER H 289 25.13 -13.23 5.10
N VAL H 290 23.91 -13.73 4.89
CA VAL H 290 23.66 -15.17 4.83
C VAL H 290 24.68 -15.72 3.83
N VAL H 291 25.42 -16.74 4.22
CA VAL H 291 26.43 -17.27 3.32
C VAL H 291 25.93 -18.36 2.36
N GLN H 292 26.41 -18.29 1.13
CA GLN H 292 26.11 -19.25 0.08
C GLN H 292 27.45 -19.53 -0.54
N PRO H 293 27.91 -20.78 -0.44
CA PRO H 293 29.19 -21.30 -0.93
C PRO H 293 29.16 -21.58 -2.41
N MET H 294 28.77 -20.60 -3.19
CA MET H 294 28.69 -20.78 -4.62
C MET H 294 29.76 -21.68 -5.19
N TYR H 295 31.02 -21.41 -4.85
CA TYR H 295 32.12 -22.24 -5.35
C TYR H 295 31.95 -23.70 -5.00
N ASP H 296 31.68 -23.95 -3.71
CA ASP H 296 31.45 -25.30 -3.19
C ASP H 296 30.29 -25.98 -3.93
N ILE H 297 29.16 -25.30 -4.07
CA ILE H 297 28.05 -25.89 -4.77
C ILE H 297 28.50 -26.10 -6.19
N GLY H 298 29.64 -25.50 -6.52
CA GLY H 298 30.18 -25.64 -7.85
C GLY H 298 30.95 -26.93 -7.95
N ALA H 299 32.01 -27.02 -7.14
CA ALA H 299 32.87 -28.19 -7.11
C ALA H 299 32.08 -29.44 -6.75
N VAL H 300 31.11 -29.31 -5.84
CA VAL H 300 30.33 -30.48 -5.45
C VAL H 300 29.55 -30.95 -6.67
N ALA H 301 28.81 -30.05 -7.29
CA ALA H 301 28.05 -30.41 -8.48
C ALA H 301 28.90 -31.12 -9.57
N MET H 302 30.17 -30.77 -9.72
CA MET H 302 31.00 -31.44 -10.75
C MET H 302 31.32 -32.85 -10.33
N ARG H 303 31.79 -32.99 -9.09
CA ARG H 303 32.16 -34.29 -8.50
C ARG H 303 31.01 -35.30 -8.60
N LEU H 304 29.85 -34.89 -8.11
CA LEU H 304 28.71 -35.77 -8.13
C LEU H 304 28.56 -36.31 -9.54
N LEU H 305 28.90 -35.50 -10.54
CA LEU H 305 28.79 -35.92 -11.93
C LEU H 305 29.95 -36.82 -12.34
N THR H 306 31.14 -36.57 -11.81
CA THR H 306 32.27 -37.41 -12.19
C THR H 306 31.99 -38.81 -11.66
N LYS H 307 31.00 -38.93 -10.80
CA LYS H 307 30.63 -40.24 -10.27
C LYS H 307 29.73 -40.97 -11.26
N TYR H 308 28.66 -40.29 -11.66
CA TYR H 308 27.76 -40.89 -12.62
C TYR H 308 28.52 -41.29 -13.88
N MET H 309 29.41 -40.42 -14.32
CA MET H 309 30.18 -40.66 -15.52
C MET H 309 31.10 -41.86 -15.37
N ASN H 310 31.93 -41.89 -14.33
CA ASN H 310 32.86 -43.02 -14.10
C ASN H 310 32.14 -44.19 -13.43
N LYS H 311 30.81 -44.16 -13.46
CA LYS H 311 30.04 -45.21 -12.85
C LYS H 311 30.56 -45.54 -11.45
N GLU H 312 30.43 -44.59 -10.53
CA GLU H 312 30.85 -44.79 -9.16
C GLU H 312 29.56 -44.85 -8.38
N THR H 313 29.65 -45.02 -7.06
CA THR H 313 28.44 -45.08 -6.23
C THR H 313 28.08 -43.74 -5.63
N VAL H 314 26.79 -43.48 -5.56
CA VAL H 314 26.31 -42.24 -5.02
C VAL H 314 25.41 -42.57 -3.86
N ASP H 315 25.52 -41.81 -2.79
CA ASP H 315 24.72 -42.05 -1.63
C ASP H 315 23.55 -41.11 -1.77
N SER H 316 23.87 -39.85 -2.03
CA SER H 316 22.83 -38.86 -2.19
C SER H 316 22.89 -38.28 -3.59
N SER H 317 21.72 -38.20 -4.20
CA SER H 317 21.52 -37.69 -5.55
C SER H 317 20.72 -36.37 -5.48
N ILE H 318 20.70 -35.79 -4.30
CA ILE H 318 19.98 -34.57 -4.02
C ILE H 318 20.73 -34.06 -2.81
N VAL H 319 21.81 -33.36 -3.06
CA VAL H 319 22.69 -32.82 -2.03
C VAL H 319 22.31 -31.39 -1.61
N GLU H 320 22.57 -31.04 -0.36
CA GLU H 320 22.29 -29.71 0.18
C GLU H 320 23.43 -29.26 1.04
N LEU H 321 24.51 -28.79 0.43
CA LEU H 321 25.62 -28.32 1.24
C LEU H 321 25.03 -27.39 2.31
N PRO H 322 25.77 -27.18 3.40
CA PRO H 322 25.33 -26.33 4.51
C PRO H 322 25.51 -24.81 4.31
N HIS H 323 24.70 -24.02 5.02
CA HIS H 323 24.77 -22.57 4.93
C HIS H 323 24.90 -21.98 6.33
N ARG H 324 25.32 -20.72 6.42
CA ARG H 324 25.45 -20.07 7.72
C ARG H 324 25.17 -18.59 7.59
N ILE H 325 25.50 -17.86 8.66
CA ILE H 325 25.35 -16.42 8.71
C ILE H 325 26.74 -15.93 9.07
N GLU H 326 27.17 -14.83 8.46
CA GLU H 326 28.49 -14.30 8.75
C GLU H 326 28.31 -12.86 9.21
N PHE H 327 28.25 -12.66 10.52
CA PHE H 327 28.07 -11.31 11.08
C PHE H 327 29.36 -10.51 10.94
N ARG H 328 29.21 -9.32 10.34
CA ARG H 328 30.34 -8.44 10.09
C ARG H 328 30.41 -7.13 10.87
N GLN H 329 29.36 -6.31 10.80
CA GLN H 329 29.34 -5.03 11.52
C GLN H 329 28.02 -4.28 11.33
N SER H 330 27.29 -4.65 10.28
CA SER H 330 26.00 -4.05 9.97
C SER H 330 25.00 -4.44 11.07
N THR H 331 25.53 -5.11 12.10
CA THR H 331 24.73 -5.58 13.21
C THR H 331 25.66 -6.01 14.35
N LYS H 332 25.25 -5.72 15.59
CA LYS H 332 26.03 -6.07 16.77
C LYS H 332 26.48 -7.53 16.65
N MET I 1 48.85 -45.85 12.08
CA MET I 1 47.79 -44.80 11.98
C MET I 1 48.04 -43.57 12.86
N VAL I 2 48.56 -42.50 12.27
CA VAL I 2 48.79 -41.27 13.02
C VAL I 2 47.48 -40.53 13.09
N GLN I 3 47.35 -39.65 14.09
CA GLN I 3 46.14 -38.87 14.28
C GLN I 3 46.56 -37.57 14.94
N GLN I 4 45.66 -36.59 14.98
CA GLN I 4 45.99 -35.31 15.60
C GLN I 4 44.76 -34.45 15.78
N LYS I 5 44.91 -33.35 16.50
CA LYS I 5 43.80 -32.46 16.73
C LYS I 5 44.25 -31.05 16.44
N VAL I 6 43.73 -30.50 15.35
CA VAL I 6 44.14 -29.19 14.93
C VAL I 6 43.05 -28.13 14.99
N GLU I 7 43.51 -26.87 15.05
CA GLU I 7 42.65 -25.71 14.98
C GLU I 7 42.58 -25.52 13.47
N VAL I 8 42.18 -24.36 13.00
CA VAL I 8 42.20 -24.16 11.57
C VAL I 8 42.30 -22.64 11.41
N ARG I 9 43.49 -22.11 11.70
CA ARG I 9 43.74 -20.66 11.61
C ARG I 9 43.41 -20.06 10.25
N LEU I 10 42.79 -20.84 9.35
CA LEU I 10 42.43 -20.29 8.02
C LEU I 10 41.39 -19.20 8.12
N LYS I 11 41.50 -18.21 7.25
CA LYS I 11 40.57 -17.09 7.25
C LYS I 11 39.19 -17.48 6.70
N THR I 12 39.20 -18.30 5.65
CA THR I 12 37.97 -18.77 5.02
C THR I 12 37.60 -20.13 5.61
N GLY I 13 38.59 -20.75 6.26
CA GLY I 13 38.36 -22.05 6.86
C GLY I 13 38.60 -23.11 5.79
N LEU I 14 37.81 -24.18 5.86
CA LEU I 14 37.94 -25.23 4.87
C LEU I 14 36.78 -25.24 3.87
N GLN I 15 36.68 -24.16 3.09
CA GLN I 15 35.65 -23.98 2.08
C GLN I 15 36.25 -23.36 0.83
N ALA I 16 35.38 -22.81 -0.03
CA ALA I 16 35.80 -22.17 -1.28
C ALA I 16 37.04 -22.82 -1.86
N ARG I 17 37.84 -22.06 -2.58
CA ARG I 17 39.06 -22.60 -3.18
C ARG I 17 39.94 -23.28 -2.13
N PRO I 18 40.04 -22.69 -0.92
CA PRO I 18 40.85 -23.26 0.15
C PRO I 18 40.57 -24.73 0.45
N ALA I 19 39.29 -25.11 0.45
CA ALA I 19 38.90 -26.50 0.69
C ALA I 19 39.54 -27.40 -0.37
N ALA I 20 39.11 -27.21 -1.62
CA ALA I 20 39.61 -28.01 -2.72
C ALA I 20 41.12 -28.12 -2.87
N LEU I 21 41.89 -27.14 -2.40
CA LEU I 21 43.34 -27.26 -2.56
C LEU I 21 43.89 -28.15 -1.47
N PHE I 22 43.14 -28.22 -0.38
CA PHE I 22 43.46 -29.06 0.76
C PHE I 22 43.38 -30.47 0.20
N VAL I 23 42.27 -30.75 -0.47
CA VAL I 23 42.03 -32.06 -1.07
C VAL I 23 43.03 -32.41 -2.19
N GLN I 24 43.40 -31.44 -3.02
CA GLN I 24 44.34 -31.74 -4.10
C GLN I 24 45.68 -32.00 -3.42
N GLU I 25 45.83 -31.44 -2.22
CA GLU I 25 47.07 -31.63 -1.48
C GLU I 25 47.09 -32.95 -0.74
N ALA I 26 45.93 -33.43 -0.33
CA ALA I 26 45.82 -34.71 0.36
C ALA I 26 46.12 -35.79 -0.65
N ASN I 27 45.34 -35.79 -1.73
CA ASN I 27 45.50 -36.77 -2.76
C ASN I 27 46.90 -37.13 -3.22
N ARG I 28 47.88 -36.25 -3.01
CA ARG I 28 49.26 -36.54 -3.39
C ARG I 28 49.90 -37.63 -2.53
N PHE I 29 49.06 -38.29 -1.71
CA PHE I 29 49.51 -39.36 -0.81
C PHE I 29 48.89 -40.71 -1.09
N THR I 30 49.50 -41.75 -0.53
CA THR I 30 48.98 -43.10 -0.73
C THR I 30 48.19 -43.51 0.51
N SER I 31 48.54 -42.92 1.64
CA SER I 31 47.88 -43.20 2.92
C SER I 31 46.43 -42.73 2.93
N ASP I 32 45.51 -43.56 3.43
CA ASP I 32 44.12 -43.11 3.51
C ASP I 32 44.09 -42.05 4.61
N ILE I 33 43.52 -40.90 4.29
CA ILE I 33 43.45 -39.79 5.23
C ILE I 33 42.02 -39.41 5.50
N PHE I 34 41.75 -38.85 6.66
CA PHE I 34 40.40 -38.48 6.97
C PHE I 34 40.37 -37.15 7.67
N LEU I 35 39.21 -36.79 8.17
CA LEU I 35 39.06 -35.55 8.86
C LEU I 35 37.68 -35.58 9.47
N GLU I 36 37.62 -35.46 10.77
CA GLU I 36 36.35 -35.47 11.44
C GLU I 36 36.08 -34.16 12.15
N LYS I 37 34.80 -33.84 12.28
CA LYS I 37 34.38 -32.63 12.93
C LYS I 37 33.26 -33.00 13.85
N ASP I 38 33.48 -32.84 15.15
CA ASP I 38 32.44 -33.12 16.15
C ASP I 38 31.58 -34.34 15.83
N GLY I 39 32.23 -35.49 15.70
CA GLY I 39 31.50 -36.70 15.39
C GLY I 39 31.72 -37.21 13.98
N LYS I 40 30.87 -36.76 13.07
CA LYS I 40 30.95 -37.17 11.68
C LYS I 40 32.38 -37.07 11.16
N LYS I 41 32.90 -38.17 10.62
CA LYS I 41 34.24 -38.21 10.06
C LYS I 41 34.04 -38.31 8.55
N VAL I 42 35.04 -37.92 7.77
CA VAL I 42 34.91 -38.02 6.32
C VAL I 42 36.23 -38.36 5.67
N ASN I 43 36.21 -38.47 4.35
CA ASN I 43 37.40 -38.77 3.60
C ASN I 43 38.03 -37.43 3.28
N ALA I 44 39.27 -37.21 3.66
CA ALA I 44 39.91 -35.91 3.38
C ALA I 44 40.53 -36.03 2.02
N LYS I 45 39.92 -36.79 1.13
CA LYS I 45 40.50 -36.98 -0.17
C LYS I 45 39.41 -36.85 -1.20
N SEP I 46 38.25 -36.41 -0.75
CA SEP I 46 37.12 -36.35 -1.66
CB SEP I 46 36.25 -37.56 -1.41
OG SEP I 46 34.90 -37.24 -1.41
C SEP I 46 36.28 -35.07 -1.51
O SEP I 46 35.74 -34.75 -0.45
P SEP I 46 33.97 -37.92 -2.49
O1P SEP I 46 34.63 -39.21 -2.84
O2P SEP I 46 32.69 -38.31 -1.85
O3P SEP I 46 33.67 -36.87 -3.50
N ILE I 47 36.17 -34.36 -2.62
CA ILE I 47 35.43 -33.12 -2.66
C ILE I 47 34.03 -33.19 -2.05
N MET I 48 33.36 -34.34 -2.13
CA MET I 48 32.00 -34.39 -1.60
C MET I 48 31.81 -34.50 -0.10
N GLY I 49 32.55 -35.39 0.53
CA GLY I 49 32.37 -35.50 1.95
C GLY I 49 32.89 -34.25 2.62
N LEU I 50 34.15 -33.94 2.33
CA LEU I 50 34.83 -32.80 2.93
C LEU I 50 34.05 -31.53 2.94
N MET I 51 33.58 -31.13 1.76
CA MET I 51 32.78 -29.91 1.63
C MET I 51 31.38 -30.09 2.16
N SER I 52 31.18 -31.13 2.97
CA SER I 52 29.89 -31.35 3.55
C SER I 52 29.94 -30.83 4.98
N LEU I 53 31.15 -30.78 5.56
CA LEU I 53 31.30 -30.31 6.93
C LEU I 53 31.43 -28.80 7.04
N ALA I 54 31.90 -28.17 5.97
CA ALA I 54 32.07 -26.71 5.92
C ALA I 54 32.80 -26.10 7.12
N ILE I 55 33.86 -26.77 7.56
CA ILE I 55 34.67 -26.31 8.68
C ILE I 55 34.93 -24.81 8.62
N SER I 56 34.27 -24.05 9.48
CA SER I 56 34.50 -22.62 9.46
C SER I 56 35.83 -22.42 10.14
N THR I 57 36.30 -21.18 10.16
CA THR I 57 37.58 -20.87 10.82
C THR I 57 37.37 -20.98 12.32
N GLY I 58 38.48 -21.08 13.05
CA GLY I 58 38.36 -21.18 14.49
C GLY I 58 37.93 -22.53 15.04
N THR I 59 37.10 -23.26 14.29
CA THR I 59 36.62 -24.57 14.75
C THR I 59 37.79 -25.54 14.79
N GLU I 60 37.75 -26.50 15.70
CA GLU I 60 38.83 -27.47 15.81
C GLU I 60 38.37 -28.85 15.36
N ILE I 61 39.26 -29.57 14.65
CA ILE I 61 38.92 -30.89 14.18
C ILE I 61 40.08 -31.85 14.23
N THR I 62 39.76 -33.14 14.10
CA THR I 62 40.73 -34.22 14.14
C THR I 62 41.03 -34.75 12.74
N LEU I 63 42.30 -34.85 12.40
CA LEU I 63 42.66 -35.39 11.10
C LEU I 63 43.49 -36.66 11.26
N ILE I 64 42.93 -37.75 10.76
CA ILE I 64 43.54 -39.07 10.81
C ILE I 64 44.21 -39.43 9.50
N ALA I 65 45.24 -40.28 9.57
CA ALA I 65 45.96 -40.72 8.37
C ALA I 65 46.58 -42.07 8.62
N GLN I 66 46.41 -42.97 7.64
CA GLN I 66 46.91 -44.34 7.73
C GLN I 66 47.45 -44.76 6.37
N GLY I 67 48.60 -45.42 6.35
CA GLY I 67 49.19 -45.83 5.08
C GLY I 67 50.68 -45.58 5.13
N GLU I 68 51.40 -45.88 4.06
CA GLU I 68 52.86 -45.71 4.04
C GLU I 68 53.38 -44.41 4.60
N ASP I 69 52.97 -43.29 4.01
CA ASP I 69 53.41 -41.98 4.46
C ASP I 69 52.40 -41.33 5.39
N GLU I 70 51.75 -42.16 6.19
CA GLU I 70 50.75 -41.68 7.14
C GLU I 70 51.37 -40.60 8.02
N GLN I 71 52.69 -40.55 8.06
CA GLN I 71 53.35 -39.57 8.89
C GLN I 71 53.40 -38.22 8.21
N GLU I 72 54.16 -38.15 7.13
CA GLU I 72 54.30 -36.91 6.36
C GLU I 72 52.95 -36.35 5.91
N ALA I 73 51.97 -37.22 5.71
CA ALA I 73 50.65 -36.78 5.29
C ALA I 73 50.05 -35.85 6.32
N LEU I 74 50.06 -36.28 7.58
CA LEU I 74 49.50 -35.46 8.65
C LEU I 74 50.42 -34.27 8.87
N GLU I 75 51.73 -34.50 8.78
CA GLU I 75 52.71 -33.43 8.95
C GLU I 75 52.20 -32.22 8.13
N LYS I 76 52.16 -32.41 6.81
CA LYS I 76 51.73 -31.40 5.85
C LYS I 76 50.33 -30.85 6.07
N LEU I 77 49.32 -31.70 5.82
CA LEU I 77 47.93 -31.30 5.99
C LEU I 77 47.76 -30.48 7.25
N ALA I 78 48.48 -30.85 8.30
CA ALA I 78 48.40 -30.16 9.58
C ALA I 78 48.83 -28.71 9.38
N ALA I 79 50.08 -28.57 8.93
CA ALA I 79 50.64 -27.27 8.66
C ALA I 79 49.72 -26.44 7.83
N TYR I 80 49.25 -26.98 6.69
CA TYR I 80 48.33 -26.29 5.78
C TYR I 80 47.17 -25.65 6.55
N VAL I 81 46.21 -26.47 6.92
CA VAL I 81 45.02 -26.00 7.61
C VAL I 81 45.37 -25.14 8.81
N GLN I 82 46.57 -25.34 9.33
CA GLN I 82 47.03 -24.60 10.49
C GLN I 82 47.45 -23.19 10.05
N GLU I 83 46.83 -22.75 8.96
CA GLU I 83 47.09 -21.44 8.32
C GLU I 83 48.57 -21.23 8.07
N GLU I 84 49.37 -22.19 8.54
CA GLU I 84 50.81 -22.13 8.39
C GLU I 84 51.20 -22.88 7.10
I IOD J . -20.22 16.54 -1.52
I IOD K . -24.52 -11.63 -20.94
I IOD L . -24.37 -13.89 -35.25
I IOD M . -37.32 5.56 -29.11
I IOD N . -16.90 7.09 -19.22
I IOD O . 19.57 23.79 62.68
I IOD P . 10.28 12.95 40.28
I IOD Q . 15.90 24.36 51.57
I IOD R . -15.14 19.34 36.85
I IOD S . 19.39 -37.28 -15.55
I IOD T . 5.47 -12.72 -2.83
#